data_6QN0
#
_entry.id   6QN0
#
_cell.length_a   45.760
_cell.length_b   74.760
_cell.length_c   76.230
_cell.angle_alpha   90.02
_cell.angle_beta   74.32
_cell.angle_gamma   90.00
#
_symmetry.space_group_name_H-M   'P 1'
#
loop_
_entity.id
_entity.type
_entity.pdbx_description
1 polymer 'Carbonic anhydrase 12'
2 non-polymer 'ZINC ION'
3 non-polymer ~{N}-butyl-4-chloranyl-2-(2-phenylethylsulfanyl)-5-sulfamoyl-benzamide
4 water water
#
_entity_poly.entity_id   1
_entity_poly.type   'polypeptide(L)'
_entity_poly.pdbx_seq_one_letter_code
;ASKWTYFGPDGENSWSKKYPSCGGLLQSPIDLHSDILQYDASLTPLEFQGYNLSANKQFLLTNNGHSVKLNLPSDMHIQG
LQSRYSATQLHLHWGNPNDPHGSEHTVSGQHFAAELHIVHYNSDLYPDASTASNKSEGLAVLAVLIEMGSFNPSYDKIFS
HLQHVKYKGQEAFVPGFNIEELLPERTAEYYRYRGSLTTPPCNPTVLWTVFRNPVQISQEQLLALETALYCTHMDDPSPR
EMINNFRQVQKFDERLVYTSFSQ
;
_entity_poly.pdbx_strand_id   A,B,C,D
#
# COMPACT_ATOMS: atom_id res chain seq x y z
N LYS A 3 -1.57 37.15 -3.07
CA LYS A 3 -0.50 36.14 -3.37
C LYS A 3 -0.19 35.27 -2.14
N TRP A 4 0.08 34.01 -2.42
CA TRP A 4 0.11 32.92 -1.42
C TRP A 4 0.66 31.67 -2.10
N THR A 5 1.22 30.78 -1.29
CA THR A 5 1.84 29.51 -1.75
C THR A 5 1.42 28.39 -0.82
N TYR A 6 2.00 27.20 -1.06
CA TYR A 6 1.90 26.07 -0.11
C TYR A 6 3.22 25.84 0.63
N PHE A 7 4.23 26.70 0.45
CA PHE A 7 5.58 26.48 1.05
C PHE A 7 6.18 27.80 1.53
N GLY A 8 6.82 27.77 2.71
CA GLY A 8 7.59 28.88 3.33
C GLY A 8 6.76 30.09 3.75
N PRO A 9 7.31 31.32 3.55
CA PRO A 9 6.74 32.53 4.14
C PRO A 9 5.27 32.83 3.77
N ASP A 10 4.88 32.47 2.54
CA ASP A 10 3.55 32.82 1.98
C ASP A 10 2.60 31.61 2.10
N GLY A 11 3.09 30.56 2.74
CA GLY A 11 2.39 29.30 2.99
C GLY A 11 1.17 29.44 3.91
N GLU A 12 0.54 28.31 4.19
CA GLU A 12 -0.85 28.25 4.71
C GLU A 12 -0.96 28.78 6.14
N ASN A 13 0.12 28.78 6.93
CA ASN A 13 0.08 29.33 8.31
C ASN A 13 0.05 30.85 8.23
N SER A 14 0.34 31.43 7.05
CA SER A 14 0.38 32.89 6.83
C SER A 14 -0.80 33.37 5.99
N TRP A 15 -1.61 32.46 5.43
CA TRP A 15 -2.75 32.91 4.57
C TRP A 15 -3.60 33.94 5.31
N SER A 16 -3.92 33.70 6.58
CA SER A 16 -4.87 34.50 7.39
C SER A 16 -4.40 35.95 7.49
N LYS A 17 -3.11 36.23 7.27
CA LYS A 17 -2.57 37.63 7.35
C LYS A 17 -3.17 38.45 6.21
N LYS A 18 -3.49 37.83 5.07
CA LYS A 18 -4.01 38.56 3.90
C LYS A 18 -5.47 38.16 3.66
N TYR A 19 -5.86 37.00 4.12
CA TYR A 19 -7.19 36.45 3.78
C TYR A 19 -7.82 35.98 5.07
N PRO A 20 -8.57 36.88 5.74
CA PRO A 20 -8.99 36.62 7.12
C PRO A 20 -9.81 35.33 7.26
N SER A 21 -10.57 34.91 6.25
CA SER A 21 -11.45 33.72 6.38
C SER A 21 -10.62 32.44 6.59
N CYS A 22 -9.37 32.50 6.14
CA CYS A 22 -8.37 31.41 6.31
C CYS A 22 -8.08 31.13 7.80
N GLY A 23 -8.25 32.15 8.65
CA GLY A 23 -8.13 32.06 10.12
C GLY A 23 -9.47 32.10 10.84
N GLY A 24 -10.58 31.86 10.13
CA GLY A 24 -11.94 31.81 10.71
C GLY A 24 -12.43 30.38 10.92
N LEU A 25 -13.73 30.20 11.07
CA LEU A 25 -14.30 28.86 11.37
C LEU A 25 -14.57 28.09 10.08
N LEU A 26 -14.88 26.80 10.26
CA LEU A 26 -15.50 25.89 9.28
C LEU A 26 -14.55 25.74 8.10
N GLN A 27 -13.26 25.55 8.41
CA GLN A 27 -12.21 25.40 7.38
C GLN A 27 -12.16 23.94 6.89
N SER A 28 -11.82 23.78 5.62
CA SER A 28 -11.54 22.50 4.90
C SER A 28 -10.06 22.50 4.47
N PRO A 29 -9.40 21.36 4.27
CA PRO A 29 -10.01 20.05 4.39
C PRO A 29 -10.00 19.55 5.83
N ILE A 30 -10.47 18.31 5.99
CA ILE A 30 -10.61 17.66 7.32
C ILE A 30 -10.25 16.19 7.14
N ASP A 31 -9.93 15.57 8.26
CA ASP A 31 -9.71 14.11 8.37
C ASP A 31 -11.04 13.42 8.69
N LEU A 32 -11.45 12.56 7.78
CA LEU A 32 -12.66 11.72 7.89
C LEU A 32 -12.31 10.51 8.76
N HIS A 33 -12.85 10.45 9.97
CA HIS A 33 -12.53 9.36 10.93
C HIS A 33 -13.76 9.02 11.76
N SER A 34 -13.91 7.75 12.19
CA SER A 34 -15.19 7.18 12.71
C SER A 34 -15.84 8.07 13.77
N ASP A 35 -15.07 8.60 14.71
CA ASP A 35 -15.61 9.34 15.89
C ASP A 35 -16.50 10.52 15.46
N ILE A 36 -16.27 11.13 14.31
CA ILE A 36 -17.00 12.38 13.91
C ILE A 36 -17.97 12.07 12.76
N LEU A 37 -18.16 10.80 12.40
CA LEU A 37 -19.09 10.41 11.32
C LEU A 37 -20.51 10.29 11.89
N GLN A 38 -21.53 10.55 11.09
CA GLN A 38 -22.92 10.44 11.59
C GLN A 38 -23.82 10.13 10.40
N TYR A 39 -24.41 8.94 10.40
CA TYR A 39 -25.35 8.54 9.33
C TYR A 39 -26.51 9.55 9.33
N ASP A 40 -26.97 9.94 8.13
CA ASP A 40 -28.08 10.88 7.87
C ASP A 40 -28.94 10.32 6.75
N ALA A 41 -30.16 9.94 7.05
CA ALA A 41 -31.17 9.42 6.10
C ALA A 41 -31.56 10.48 5.05
N SER A 42 -31.37 11.80 5.32
CA SER A 42 -31.61 12.94 4.37
C SER A 42 -30.74 12.82 3.10
N LEU A 43 -29.59 12.18 3.21
CA LEU A 43 -28.54 12.27 2.16
C LEU A 43 -28.86 11.26 1.04
N THR A 44 -29.70 11.71 0.11
CA THR A 44 -30.20 10.99 -1.08
C THR A 44 -29.18 11.13 -2.21
N PRO A 45 -29.16 10.18 -3.17
CA PRO A 45 -28.25 10.26 -4.31
C PRO A 45 -28.30 11.59 -5.08
N LEU A 46 -27.12 12.16 -5.40
CA LEU A 46 -26.98 13.32 -6.30
C LEU A 46 -27.26 12.82 -7.71
N GLU A 47 -27.79 13.68 -8.56
CA GLU A 47 -27.83 13.44 -10.03
C GLU A 47 -26.89 14.45 -10.70
N PHE A 48 -26.14 13.96 -11.65
CA PHE A 48 -25.11 14.70 -12.42
C PHE A 48 -25.70 14.94 -13.81
N GLN A 49 -26.25 16.13 -14.02
CA GLN A 49 -26.93 16.50 -15.27
C GLN A 49 -25.91 17.25 -16.12
N GLY A 50 -25.81 16.90 -17.40
CA GLY A 50 -25.06 17.73 -18.36
C GLY A 50 -23.58 17.52 -18.16
N TYR A 51 -23.21 16.40 -17.53
CA TYR A 51 -21.79 15.99 -17.29
C TYR A 51 -21.20 15.49 -18.61
N ASN A 52 -22.04 15.11 -19.57
CA ASN A 52 -21.58 14.32 -20.73
C ASN A 52 -21.24 15.28 -21.86
N LEU A 53 -20.01 15.80 -21.81
CA LEU A 53 -19.57 16.96 -22.63
C LEU A 53 -19.18 16.42 -24.02
N SER A 54 -19.64 17.07 -25.10
CA SER A 54 -19.36 16.56 -26.46
C SER A 54 -17.86 16.49 -26.69
N ALA A 55 -17.37 15.34 -27.15
CA ALA A 55 -15.96 15.12 -27.54
C ALA A 55 -15.65 15.93 -28.81
N ASN A 56 -16.65 16.49 -29.49
CA ASN A 56 -16.44 17.40 -30.64
C ASN A 56 -16.45 18.86 -30.17
N LYS A 57 -16.72 19.11 -28.89
CA LYS A 57 -16.60 20.47 -28.29
C LYS A 57 -15.24 20.61 -27.56
N GLN A 58 -14.86 21.84 -27.22
CA GLN A 58 -13.52 22.17 -26.65
C GLN A 58 -13.73 22.93 -25.33
N PHE A 59 -12.91 22.65 -24.32
CA PHE A 59 -13.02 23.25 -22.97
C PHE A 59 -11.64 23.73 -22.53
N LEU A 60 -11.60 24.92 -21.92
CA LEU A 60 -10.33 25.59 -21.62
C LEU A 60 -9.71 24.94 -20.38
N LEU A 61 -8.50 24.42 -20.55
CA LEU A 61 -7.61 24.00 -19.45
C LEU A 61 -6.62 25.14 -19.18
N THR A 62 -6.45 25.53 -17.91
CA THR A 62 -5.60 26.65 -17.46
C THR A 62 -4.67 26.26 -16.29
N ASN A 63 -3.43 26.72 -16.37
CA ASN A 63 -2.50 26.80 -15.21
C ASN A 63 -2.78 28.17 -14.57
N ASN A 64 -3.37 28.17 -13.36
CA ASN A 64 -3.71 29.42 -12.67
C ASN A 64 -2.62 29.77 -11.66
N GLY A 65 -1.48 29.08 -11.68
CA GLY A 65 -0.43 29.30 -10.66
C GLY A 65 -0.66 28.57 -9.35
N HIS A 66 -1.73 27.77 -9.22
CA HIS A 66 -2.10 27.07 -7.95
C HIS A 66 -2.44 25.59 -8.21
N SER A 67 -2.87 25.27 -9.42
CA SER A 67 -3.41 23.95 -9.84
C SER A 67 -3.53 23.98 -11.37
N VAL A 68 -3.93 22.85 -11.95
CA VAL A 68 -4.44 22.88 -13.34
C VAL A 68 -5.97 22.82 -13.23
N LYS A 69 -6.62 23.76 -13.89
CA LYS A 69 -8.08 23.97 -13.84
C LYS A 69 -8.68 23.61 -15.21
N LEU A 70 -9.81 22.91 -15.26
CA LEU A 70 -10.60 22.76 -16.52
C LEU A 70 -11.90 23.52 -16.36
N ASN A 71 -12.17 24.46 -17.27
CA ASN A 71 -13.40 25.28 -17.24
C ASN A 71 -14.55 24.38 -17.69
N LEU A 72 -15.66 24.45 -16.98
CA LEU A 72 -16.87 23.62 -17.20
C LEU A 72 -18.04 24.55 -17.51
N PRO A 73 -18.95 24.13 -18.41
CA PRO A 73 -20.11 24.95 -18.77
C PRO A 73 -21.17 24.90 -17.66
N SER A 74 -21.88 26.02 -17.46
CA SER A 74 -22.85 26.19 -16.34
C SER A 74 -24.11 25.36 -16.60
N ASP A 75 -24.27 24.80 -17.80
CA ASP A 75 -25.35 23.83 -18.12
C ASP A 75 -25.07 22.53 -17.42
N MET A 76 -23.84 22.31 -17.02
CA MET A 76 -23.47 21.16 -16.23
C MET A 76 -23.91 21.42 -14.80
N HIS A 77 -24.68 20.55 -14.19
CA HIS A 77 -25.11 20.78 -12.82
C HIS A 77 -25.42 19.58 -11.95
N ILE A 78 -25.63 19.89 -10.69
CA ILE A 78 -25.98 18.94 -9.68
C ILE A 78 -27.44 19.16 -9.27
N GLN A 79 -28.24 18.10 -9.25
CA GLN A 79 -29.57 18.18 -8.72
C GLN A 79 -29.61 17.32 -7.46
N GLY A 80 -30.33 17.74 -6.45
CA GLY A 80 -30.39 16.98 -5.24
C GLY A 80 -30.10 17.75 -3.98
N LEU A 81 -29.45 18.91 -4.13
CA LEU A 81 -29.15 19.76 -3.01
C LEU A 81 -30.33 20.77 -2.76
N GLN A 82 -30.16 21.75 -1.88
CA GLN A 82 -31.22 22.71 -1.59
C GLN A 82 -31.50 23.70 -2.74
N SER A 83 -30.49 23.98 -3.52
CA SER A 83 -30.60 24.78 -4.76
C SER A 83 -29.90 24.06 -5.91
N ARG A 84 -30.10 24.56 -7.12
CA ARG A 84 -29.30 24.17 -8.30
C ARG A 84 -27.88 24.69 -8.09
N TYR A 85 -26.91 23.77 -8.12
CA TYR A 85 -25.46 24.09 -8.17
C TYR A 85 -24.96 23.81 -9.58
N SER A 86 -24.51 24.86 -10.27
CA SER A 86 -24.01 24.78 -11.67
C SER A 86 -22.49 24.67 -11.65
N ALA A 87 -21.91 23.84 -12.52
CA ALA A 87 -20.44 23.69 -12.61
C ALA A 87 -19.78 25.00 -13.03
N THR A 88 -18.58 25.25 -12.46
CA THR A 88 -17.66 26.33 -12.88
C THR A 88 -16.32 25.75 -13.36
N GLN A 89 -15.69 24.84 -12.62
CA GLN A 89 -14.40 24.27 -13.07
C GLN A 89 -14.09 23.05 -12.22
N LEU A 90 -13.14 22.25 -12.69
CA LEU A 90 -12.50 21.21 -11.88
C LEU A 90 -10.99 21.45 -11.87
N HIS A 91 -10.34 20.90 -10.85
CA HIS A 91 -8.88 21.05 -10.65
C HIS A 91 -8.42 19.96 -9.71
N LEU A 92 -7.12 19.86 -9.48
CA LEU A 92 -6.50 18.78 -8.69
C LEU A 92 -5.56 19.32 -7.61
N HIS A 93 -5.26 18.43 -6.70
CA HIS A 93 -4.30 18.63 -5.58
C HIS A 93 -3.44 17.37 -5.55
N TRP A 94 -2.12 17.54 -5.42
CA TRP A 94 -1.22 16.36 -5.42
C TRP A 94 0.03 16.64 -4.59
N GLY A 95 0.91 15.64 -4.49
CA GLY A 95 2.13 15.74 -3.67
C GLY A 95 3.33 15.97 -4.58
N ASN A 96 4.24 15.02 -4.64
CA ASN A 96 5.52 15.18 -5.38
C ASN A 96 6.10 13.80 -5.63
N PRO A 97 7.07 13.66 -6.55
CA PRO A 97 7.59 12.34 -6.93
C PRO A 97 8.16 11.53 -5.77
N ASN A 98 8.71 12.21 -4.77
CA ASN A 98 9.37 11.60 -3.58
C ASN A 98 8.35 11.40 -2.44
N ASP A 99 7.10 11.85 -2.63
CA ASP A 99 6.04 11.74 -1.58
C ASP A 99 4.69 11.94 -2.26
N PRO A 100 4.22 10.94 -3.01
CA PRO A 100 3.00 11.04 -3.81
C PRO A 100 1.76 10.79 -2.92
N HIS A 101 1.50 11.70 -1.99
CA HIS A 101 0.41 11.63 -0.97
C HIS A 101 -0.12 13.03 -0.69
N GLY A 102 -0.76 13.61 -1.68
CA GLY A 102 -1.14 15.03 -1.70
C GLY A 102 -2.64 15.21 -1.80
N SER A 103 -3.45 14.25 -1.39
CA SER A 103 -4.89 14.51 -1.19
C SER A 103 -5.02 15.58 -0.12
N GLU A 104 -6.09 16.35 -0.15
CA GLU A 104 -6.39 17.34 0.90
C GLU A 104 -7.12 16.62 2.04
N HIS A 105 -8.26 16.00 1.72
CA HIS A 105 -9.02 15.21 2.70
C HIS A 105 -8.18 13.97 2.98
N THR A 106 -8.13 13.57 4.24
CA THR A 106 -7.53 12.30 4.68
C THR A 106 -8.63 11.40 5.26
N VAL A 107 -8.33 10.10 5.33
CA VAL A 107 -9.27 9.08 5.83
C VAL A 107 -8.49 8.32 6.90
N SER A 108 -9.00 8.36 8.14
CA SER A 108 -8.34 7.83 9.35
C SER A 108 -6.87 8.19 9.27
N GLY A 109 -6.60 9.47 9.07
CA GLY A 109 -5.23 10.00 9.11
C GLY A 109 -4.39 9.69 7.88
N GLN A 110 -4.93 9.07 6.84
CA GLN A 110 -4.13 8.64 5.65
C GLN A 110 -4.44 9.54 4.45
N HIS A 111 -3.41 10.17 3.89
CA HIS A 111 -3.51 10.83 2.56
C HIS A 111 -3.64 9.79 1.45
N PHE A 112 -4.48 10.08 0.47
CA PHE A 112 -4.46 9.46 -0.87
C PHE A 112 -3.41 10.17 -1.74
N ALA A 113 -3.12 9.63 -2.92
CA ALA A 113 -2.10 10.14 -3.86
C ALA A 113 -2.44 11.56 -4.28
N ALA A 114 -3.73 11.80 -4.57
CA ALA A 114 -4.20 13.09 -5.09
C ALA A 114 -5.71 13.20 -4.85
N GLU A 115 -6.28 14.28 -5.32
CA GLU A 115 -7.70 14.64 -5.10
C GLU A 115 -8.14 15.51 -6.25
N LEU A 116 -9.33 15.23 -6.79
CA LEU A 116 -10.07 16.04 -7.79
C LEU A 116 -11.21 16.77 -7.09
N HIS A 117 -11.36 18.05 -7.43
CA HIS A 117 -12.45 18.93 -6.93
C HIS A 117 -13.23 19.45 -8.14
N ILE A 118 -14.51 19.12 -8.21
CA ILE A 118 -15.43 19.68 -9.23
C ILE A 118 -16.23 20.79 -8.53
N VAL A 119 -15.94 22.02 -8.85
CA VAL A 119 -16.51 23.20 -8.16
C VAL A 119 -17.79 23.63 -8.86
N HIS A 120 -18.84 23.82 -8.07
CA HIS A 120 -20.17 24.31 -8.51
C HIS A 120 -20.51 25.56 -7.71
N TYR A 121 -21.31 26.43 -8.28
CA TYR A 121 -21.82 27.63 -7.59
C TYR A 121 -23.35 27.57 -7.55
N ASN A 122 -23.91 28.25 -6.56
CA ASN A 122 -25.39 28.33 -6.36
C ASN A 122 -25.96 29.22 -7.47
N SER A 123 -26.38 28.66 -8.59
CA SER A 123 -26.89 29.45 -9.74
C SER A 123 -28.31 29.94 -9.48
N ASP A 124 -28.99 29.42 -8.46
CA ASP A 124 -30.32 29.98 -8.05
C ASP A 124 -30.12 31.34 -7.38
N LEU A 125 -28.97 31.63 -6.77
CA LEU A 125 -28.75 32.86 -5.95
C LEU A 125 -27.81 33.83 -6.66
N TYR A 126 -26.86 33.31 -7.42
CA TYR A 126 -25.68 34.09 -7.88
C TYR A 126 -25.42 33.84 -9.36
N PRO A 127 -24.80 34.82 -10.05
CA PRO A 127 -24.57 34.71 -11.49
C PRO A 127 -23.31 33.93 -11.87
N ASP A 128 -22.35 33.78 -10.96
CA ASP A 128 -21.10 33.05 -11.27
C ASP A 128 -20.47 32.63 -9.95
N ALA A 129 -19.40 31.83 -10.01
CA ALA A 129 -18.72 31.27 -8.80
C ALA A 129 -18.02 32.41 -8.05
N SER A 130 -17.45 33.36 -8.78
CA SER A 130 -16.74 34.53 -8.20
C SER A 130 -17.65 35.33 -7.25
N THR A 131 -18.80 35.77 -7.76
CA THR A 131 -19.84 36.47 -6.97
C THR A 131 -20.32 35.56 -5.84
N ALA A 132 -20.45 34.25 -6.06
CA ALA A 132 -21.06 33.31 -5.07
C ALA A 132 -20.06 33.00 -3.94
N SER A 133 -18.75 33.15 -4.20
CA SER A 133 -17.67 32.57 -3.36
C SER A 133 -17.72 33.11 -1.93
N ASN A 134 -18.08 34.39 -1.73
CA ASN A 134 -18.08 34.99 -0.36
C ASN A 134 -19.49 35.13 0.18
N LYS A 135 -20.45 34.40 -0.40
CA LYS A 135 -21.87 34.59 -0.02
C LYS A 135 -22.42 33.29 0.54
N SER A 136 -23.39 33.45 1.43
CA SER A 136 -24.08 32.33 2.08
C SER A 136 -24.50 31.30 1.01
N GLU A 137 -24.26 30.01 1.26
CA GLU A 137 -24.70 28.88 0.41
C GLU A 137 -24.10 29.00 -1.00
N GLY A 138 -22.95 29.65 -1.15
CA GLY A 138 -22.42 30.01 -2.48
C GLY A 138 -21.91 28.82 -3.26
N LEU A 139 -21.23 27.84 -2.63
CA LEU A 139 -20.49 26.81 -3.45
C LEU A 139 -20.78 25.40 -2.97
N ALA A 140 -20.60 24.45 -3.89
CA ALA A 140 -20.69 22.99 -3.66
C ALA A 140 -19.58 22.30 -4.46
N VAL A 141 -18.80 21.47 -3.80
CA VAL A 141 -17.66 20.73 -4.45
C VAL A 141 -17.95 19.24 -4.31
N LEU A 142 -17.75 18.50 -5.40
CA LEU A 142 -17.55 17.04 -5.39
C LEU A 142 -16.04 16.74 -5.32
N ALA A 143 -15.61 15.98 -4.31
CA ALA A 143 -14.22 15.54 -4.09
C ALA A 143 -14.11 14.04 -4.35
N VAL A 144 -13.17 13.69 -5.21
CA VAL A 144 -12.81 12.29 -5.52
C VAL A 144 -11.40 12.11 -4.98
N LEU A 145 -11.24 11.18 -4.06
CA LEU A 145 -9.93 10.71 -3.61
C LEU A 145 -9.31 9.84 -4.70
N ILE A 146 -8.00 10.03 -4.94
CA ILE A 146 -7.26 9.34 -6.02
C ILE A 146 -6.14 8.51 -5.40
N GLU A 147 -6.13 7.25 -5.77
CA GLU A 147 -5.20 6.23 -5.26
C GLU A 147 -4.32 5.85 -6.44
N MET A 148 -3.07 5.52 -6.18
CA MET A 148 -2.15 4.99 -7.21
C MET A 148 -2.58 3.55 -7.51
N GLY A 149 -2.86 3.22 -8.77
CA GLY A 149 -3.29 1.90 -9.24
C GLY A 149 -3.15 1.77 -10.76
N SER A 150 -4.20 1.31 -11.41
CA SER A 150 -4.23 1.11 -12.89
C SER A 150 -4.27 2.47 -13.60
N PHE A 151 -3.76 2.50 -14.82
CA PHE A 151 -3.97 3.58 -15.82
C PHE A 151 -5.45 3.91 -16.01
N ASN A 152 -5.75 5.22 -15.96
CA ASN A 152 -7.13 5.74 -16.03
C ASN A 152 -7.20 6.54 -17.34
N PRO A 153 -7.80 5.97 -18.41
CA PRO A 153 -7.96 6.67 -19.68
C PRO A 153 -8.77 7.96 -19.54
N SER A 154 -9.75 8.01 -18.63
CA SER A 154 -10.60 9.23 -18.44
C SER A 154 -9.78 10.40 -17.86
N TYR A 155 -9.10 10.19 -16.75
CA TYR A 155 -8.17 11.18 -16.16
C TYR A 155 -7.13 11.57 -17.22
N ASP A 156 -6.71 10.65 -18.07
CA ASP A 156 -5.68 10.97 -19.10
C ASP A 156 -6.22 11.95 -20.14
N LYS A 157 -7.54 12.15 -20.25
CA LYS A 157 -8.11 13.15 -21.19
C LYS A 157 -7.79 14.55 -20.65
N ILE A 158 -7.38 14.65 -19.39
CA ILE A 158 -6.78 15.90 -18.83
C ILE A 158 -5.26 15.79 -18.87
N PHE A 159 -4.68 14.70 -18.36
CA PHE A 159 -3.22 14.62 -18.13
C PHE A 159 -2.39 14.69 -19.44
N SER A 160 -2.92 14.17 -20.55
CA SER A 160 -2.23 14.21 -21.87
C SER A 160 -2.03 15.67 -22.34
N HIS A 161 -2.70 16.65 -21.73
CA HIS A 161 -2.68 18.09 -22.14
C HIS A 161 -1.79 18.96 -21.23
N LEU A 162 -1.18 18.41 -20.18
CA LEU A 162 -0.48 19.24 -19.17
C LEU A 162 0.68 19.98 -19.82
N GLN A 163 1.28 19.38 -20.85
CA GLN A 163 2.54 19.84 -21.49
C GLN A 163 2.32 21.17 -22.21
N HIS A 164 1.08 21.53 -22.48
CA HIS A 164 0.68 22.84 -23.08
C HIS A 164 0.30 23.84 -21.99
N VAL A 165 0.28 23.48 -20.70
CA VAL A 165 -0.07 24.48 -19.65
C VAL A 165 0.99 24.43 -18.54
N LYS A 166 2.26 24.33 -18.94
CA LYS A 166 3.38 24.11 -17.97
C LYS A 166 3.51 25.28 -17.03
N TYR A 167 3.24 26.49 -17.52
CA TYR A 167 3.53 27.74 -16.79
C TYR A 167 2.24 28.49 -16.46
N LYS A 168 2.30 29.29 -15.39
CA LYS A 168 1.16 30.08 -14.90
C LYS A 168 0.58 30.91 -16.05
N GLY A 169 -0.75 30.94 -16.14
CA GLY A 169 -1.47 31.75 -17.13
C GLY A 169 -1.46 31.10 -18.51
N GLN A 170 -0.86 29.91 -18.71
CA GLN A 170 -0.95 29.22 -20.03
C GLN A 170 -2.25 28.42 -20.11
N GLU A 171 -2.78 28.29 -21.32
CA GLU A 171 -4.19 27.85 -21.57
C GLU A 171 -4.18 26.98 -22.81
N ALA A 172 -5.06 25.98 -22.85
CA ALA A 172 -5.09 24.99 -23.93
C ALA A 172 -6.48 24.36 -24.00
N PHE A 173 -7.02 24.28 -25.20
CA PHE A 173 -8.34 23.66 -25.44
C PHE A 173 -8.17 22.15 -25.41
N VAL A 174 -9.05 21.52 -24.66
CA VAL A 174 -9.15 20.04 -24.43
C VAL A 174 -10.50 19.58 -24.95
N PRO A 175 -10.57 18.47 -25.70
CA PRO A 175 -11.87 17.94 -26.15
C PRO A 175 -12.73 17.53 -24.96
N GLY A 176 -14.04 17.74 -25.10
CA GLY A 176 -15.02 17.30 -24.12
C GLY A 176 -14.94 15.79 -23.90
N PHE A 177 -15.35 15.35 -22.73
CA PHE A 177 -15.58 13.91 -22.43
C PHE A 177 -16.62 13.88 -21.32
N ASN A 178 -17.06 12.68 -20.97
CA ASN A 178 -18.10 12.53 -19.94
C ASN A 178 -17.38 12.67 -18.59
N ILE A 179 -17.57 13.82 -17.94
CA ILE A 179 -16.96 14.16 -16.61
C ILE A 179 -17.37 13.13 -15.54
N GLU A 180 -18.51 12.45 -15.74
CA GLU A 180 -18.96 11.33 -14.87
C GLU A 180 -17.91 10.20 -14.82
N GLU A 181 -17.10 10.02 -15.87
CA GLU A 181 -16.05 8.98 -15.88
C GLU A 181 -14.97 9.29 -14.83
N LEU A 182 -14.88 10.53 -14.33
CA LEU A 182 -13.90 10.92 -13.26
C LEU A 182 -14.42 10.49 -11.89
N LEU A 183 -15.70 10.18 -11.78
CA LEU A 183 -16.32 9.86 -10.48
C LEU A 183 -16.07 8.38 -10.14
N PRO A 184 -16.03 8.03 -8.84
CA PRO A 184 -15.84 6.65 -8.43
C PRO A 184 -17.12 5.82 -8.51
N GLU A 185 -17.00 4.53 -8.22
CA GLU A 185 -18.16 3.62 -8.07
C GLU A 185 -19.01 4.07 -6.87
N ARG A 186 -20.34 3.93 -6.97
CA ARG A 186 -21.26 4.03 -5.81
C ARG A 186 -21.19 5.45 -5.27
N THR A 187 -21.42 6.41 -6.15
CA THR A 187 -21.50 7.86 -5.84
C THR A 187 -22.64 8.11 -4.85
N ALA A 188 -23.54 7.13 -4.64
CA ALA A 188 -24.60 7.17 -3.61
C ALA A 188 -23.97 7.19 -2.21
N GLU A 189 -22.76 6.66 -2.06
CA GLU A 189 -21.96 6.62 -0.80
C GLU A 189 -21.00 7.81 -0.75
N TYR A 190 -21.29 8.77 0.13
CA TYR A 190 -20.51 10.02 0.30
C TYR A 190 -20.56 10.53 1.75
N TYR A 191 -19.54 11.34 2.05
CA TYR A 191 -19.43 12.17 3.26
C TYR A 191 -19.95 13.56 2.89
N ARG A 192 -20.67 14.23 3.79
CA ARG A 192 -21.18 15.60 3.52
C ARG A 192 -20.91 16.48 4.75
N TYR A 193 -20.34 17.65 4.54
CA TYR A 193 -20.03 18.57 5.67
C TYR A 193 -19.98 20.01 5.17
N ARG A 194 -20.16 20.93 6.12
CA ARG A 194 -20.08 22.40 5.89
C ARG A 194 -18.63 22.81 6.05
N GLY A 195 -18.05 23.45 5.04
CA GLY A 195 -16.64 23.82 5.10
C GLY A 195 -16.36 25.03 4.27
N SER A 196 -15.17 25.05 3.69
CA SER A 196 -14.58 26.28 3.10
C SER A 196 -13.86 25.93 1.79
N LEU A 197 -13.49 26.96 1.07
CA LEU A 197 -12.41 26.82 0.05
C LEU A 197 -11.18 26.31 0.79
N THR A 198 -10.44 25.36 0.20
CA THR A 198 -9.14 24.88 0.76
C THR A 198 -8.01 25.83 0.36
N THR A 199 -8.33 26.81 -0.49
CA THR A 199 -7.43 27.89 -0.94
C THR A 199 -7.99 29.22 -0.45
N PRO A 200 -7.11 30.24 -0.34
CA PRO A 200 -7.54 31.62 -0.18
C PRO A 200 -8.55 31.91 -1.26
N PRO A 201 -9.62 32.66 -0.94
CA PRO A 201 -9.73 33.35 0.35
C PRO A 201 -10.39 32.57 1.48
N CYS A 202 -10.54 31.23 1.33
CA CYS A 202 -10.91 30.28 2.41
C CYS A 202 -12.34 30.56 2.92
N ASN A 203 -13.22 31.14 2.12
CA ASN A 203 -14.58 31.52 2.57
C ASN A 203 -15.34 30.27 3.01
N PRO A 204 -16.06 30.32 4.16
CA PRO A 204 -16.74 29.12 4.70
C PRO A 204 -18.15 28.96 4.11
N THR A 205 -18.16 28.83 2.79
CA THR A 205 -19.33 28.94 1.89
C THR A 205 -19.49 27.67 1.06
N VAL A 206 -18.83 26.57 1.45
CA VAL A 206 -18.68 25.36 0.58
C VAL A 206 -19.43 24.19 1.21
N LEU A 207 -20.41 23.66 0.49
CA LEU A 207 -21.04 22.37 0.85
C LEU A 207 -20.19 21.27 0.23
N TRP A 208 -19.45 20.57 1.08
CA TRP A 208 -18.51 19.50 0.70
C TRP A 208 -19.27 18.19 0.54
N THR A 209 -19.06 17.54 -0.59
CA THR A 209 -19.39 16.11 -0.81
C THR A 209 -18.10 15.37 -1.21
N VAL A 210 -17.64 14.49 -0.35
CA VAL A 210 -16.44 13.65 -0.62
C VAL A 210 -16.98 12.25 -0.86
N PHE A 211 -16.70 11.66 -2.02
CA PHE A 211 -17.21 10.30 -2.35
C PHE A 211 -16.49 9.30 -1.45
N ARG A 212 -17.20 8.25 -1.03
CA ARG A 212 -16.65 7.25 -0.12
C ARG A 212 -15.51 6.50 -0.83
N ASN A 213 -15.68 6.16 -2.10
CA ASN A 213 -14.72 5.29 -2.81
C ASN A 213 -13.74 6.15 -3.59
N PRO A 214 -12.45 5.75 -3.61
CA PRO A 214 -11.48 6.40 -4.49
C PRO A 214 -11.55 5.89 -5.94
N VAL A 215 -10.88 6.59 -6.85
CA VAL A 215 -10.57 6.11 -8.22
C VAL A 215 -9.08 5.86 -8.26
N GLN A 216 -8.61 5.24 -9.33
CA GLN A 216 -7.19 4.87 -9.45
C GLN A 216 -6.64 5.61 -10.65
N ILE A 217 -5.43 6.13 -10.55
CA ILE A 217 -4.60 6.48 -11.72
C ILE A 217 -3.26 5.80 -11.52
N SER A 218 -2.52 5.61 -12.59
CA SER A 218 -1.21 4.92 -12.56
C SER A 218 -0.12 5.80 -11.93
N GLN A 219 0.99 5.14 -11.57
CA GLN A 219 2.26 5.78 -11.14
C GLN A 219 2.76 6.77 -12.20
N GLU A 220 2.66 6.39 -13.48
CA GLU A 220 3.16 7.23 -14.61
C GLU A 220 2.27 8.48 -14.75
N GLN A 221 0.97 8.35 -14.48
CA GLN A 221 0.04 9.50 -14.52
C GLN A 221 0.37 10.47 -13.39
N LEU A 222 0.59 9.97 -12.17
CA LEU A 222 0.92 10.88 -11.03
C LEU A 222 2.26 11.55 -11.31
N LEU A 223 3.27 10.80 -11.76
CA LEU A 223 4.62 11.38 -12.01
C LEU A 223 4.48 12.53 -12.99
N ALA A 224 3.71 12.35 -14.07
CA ALA A 224 3.45 13.40 -15.08
C ALA A 224 2.78 14.59 -14.39
N LEU A 225 1.71 14.37 -13.65
CA LEU A 225 1.02 15.48 -12.95
C LEU A 225 1.97 16.23 -12.01
N GLU A 226 2.85 15.50 -11.31
CA GLU A 226 3.77 16.00 -10.22
C GLU A 226 5.02 16.67 -10.85
N THR A 227 5.30 16.45 -12.13
CA THR A 227 6.51 17.00 -12.79
C THR A 227 6.17 18.00 -13.90
N ALA A 228 4.92 18.16 -14.33
CA ALA A 228 4.69 18.90 -15.60
C ALA A 228 4.48 20.41 -15.40
N LEU A 229 4.06 20.85 -14.20
CA LEU A 229 3.52 22.19 -13.91
C LEU A 229 4.43 23.00 -12.99
N TYR A 230 4.48 24.31 -13.27
CA TYR A 230 5.13 25.36 -12.45
C TYR A 230 4.06 26.36 -11.96
N CYS A 231 4.19 26.80 -10.72
CA CYS A 231 3.39 27.90 -10.12
C CYS A 231 3.68 29.24 -10.82
N THR A 232 4.76 29.35 -11.59
CA THR A 232 5.35 30.64 -12.06
C THR A 232 5.18 30.85 -13.57
N HIS A 233 5.22 32.10 -14.02
CA HIS A 233 5.21 32.47 -15.47
C HIS A 233 6.45 31.85 -16.13
N MET A 234 6.32 31.57 -17.42
CA MET A 234 7.40 30.98 -18.26
C MET A 234 8.70 31.79 -18.12
N ASP A 235 8.57 33.10 -17.88
CA ASP A 235 9.71 34.07 -17.91
C ASP A 235 10.15 34.42 -16.49
N ASP A 236 9.73 33.67 -15.48
CA ASP A 236 10.05 34.03 -14.08
C ASP A 236 11.46 33.55 -13.77
N PRO A 237 12.34 34.43 -13.26
CA PRO A 237 13.70 34.01 -12.91
C PRO A 237 13.81 33.20 -11.60
N SER A 238 12.74 33.11 -10.78
CA SER A 238 12.69 32.18 -9.61
C SER A 238 11.53 31.20 -9.80
N PRO A 239 11.67 30.26 -10.75
CA PRO A 239 10.60 29.33 -11.08
C PRO A 239 10.33 28.42 -9.88
N ARG A 240 9.07 28.07 -9.59
CA ARG A 240 8.70 27.11 -8.51
C ARG A 240 7.84 25.99 -9.12
N GLU A 241 8.23 24.75 -8.85
CA GLU A 241 7.47 23.54 -9.22
C GLU A 241 6.10 23.58 -8.55
N MET A 242 5.05 23.29 -9.29
CA MET A 242 3.72 23.08 -8.69
C MET A 242 3.65 21.63 -8.18
N ILE A 243 4.00 21.47 -6.89
CA ILE A 243 3.97 20.20 -6.11
C ILE A 243 3.40 20.53 -4.74
N ASN A 244 2.96 19.52 -4.03
CA ASN A 244 2.41 19.61 -2.63
C ASN A 244 1.40 20.75 -2.50
N ASN A 245 0.47 20.85 -3.44
CA ASN A 245 -0.53 21.94 -3.50
C ASN A 245 -1.76 21.47 -2.73
N PHE A 246 -1.53 21.04 -1.49
CA PHE A 246 -2.61 20.65 -0.57
C PHE A 246 -2.44 21.37 0.77
N ARG A 247 -3.58 21.74 1.36
CA ARG A 247 -3.69 22.29 2.71
C ARG A 247 -3.69 21.15 3.72
N GLN A 248 -3.07 21.38 4.87
CA GLN A 248 -3.15 20.51 6.06
C GLN A 248 -4.63 20.49 6.46
N VAL A 249 -5.03 19.39 7.11
CA VAL A 249 -6.41 19.27 7.66
C VAL A 249 -6.54 20.25 8.81
N GLN A 250 -7.79 20.65 9.09
CA GLN A 250 -8.16 21.78 9.97
C GLN A 250 -8.96 21.24 11.16
N LYS A 251 -9.07 22.04 12.23
CA LYS A 251 -9.87 21.64 13.41
C LYS A 251 -11.32 21.48 12.97
N PHE A 252 -12.03 20.57 13.60
CA PHE A 252 -13.47 20.34 13.34
C PHE A 252 -14.35 21.53 13.77
N ASP A 253 -13.99 22.29 14.82
CA ASP A 253 -14.85 23.43 15.25
C ASP A 253 -16.26 22.88 15.55
N GLU A 254 -16.38 21.75 16.27
CA GLU A 254 -17.67 21.16 16.74
C GLU A 254 -18.53 20.62 15.57
N ARG A 255 -18.01 20.52 14.34
CA ARG A 255 -18.79 19.98 13.19
C ARG A 255 -18.86 18.48 13.34
N LEU A 256 -19.86 17.86 12.72
CA LEU A 256 -19.84 16.41 12.42
C LEU A 256 -19.81 16.29 10.91
N VAL A 257 -19.37 15.14 10.39
CA VAL A 257 -19.49 14.78 8.96
C VAL A 257 -20.62 13.77 8.84
N TYR A 258 -21.61 14.08 8.01
CA TYR A 258 -22.79 13.22 7.79
C TYR A 258 -22.45 12.24 6.69
N THR A 259 -22.84 10.97 6.84
CA THR A 259 -22.66 9.96 5.77
C THR A 259 -24.01 9.49 5.24
N SER A 260 -24.04 9.17 3.94
CA SER A 260 -25.16 8.45 3.27
C SER A 260 -25.10 6.94 3.60
N PHE A 261 -24.07 6.47 4.29
CA PHE A 261 -23.89 5.03 4.63
C PHE A 261 -23.68 4.84 6.14
N SER A 262 -23.99 3.63 6.64
CA SER A 262 -23.69 3.15 8.02
C SER A 262 -22.91 1.83 7.95
N LYS B 3 -3.08 37.44 23.04
CA LYS B 3 -4.28 36.54 23.12
C LYS B 3 -4.19 35.53 21.98
N TRP B 4 -4.30 34.23 22.30
CA TRP B 4 -4.25 33.14 21.29
C TRP B 4 -5.02 31.95 21.85
N THR B 5 -5.68 31.22 20.99
CA THR B 5 -6.56 30.08 21.37
C THR B 5 -6.28 28.94 20.39
N TYR B 6 -7.07 27.88 20.52
CA TYR B 6 -7.13 26.73 19.59
C TYR B 6 -8.48 26.70 18.84
N PHE B 7 -9.16 27.84 18.72
CA PHE B 7 -10.57 27.93 18.26
C PHE B 7 -10.90 29.38 17.87
N GLY B 8 -11.75 29.57 16.85
CA GLY B 8 -12.32 30.89 16.51
C GLY B 8 -11.29 31.72 15.75
N PRO B 9 -11.36 33.06 15.82
CA PRO B 9 -10.54 33.92 14.97
C PRO B 9 -9.07 33.99 15.42
N ASP B 10 -8.79 33.68 16.70
CA ASP B 10 -7.45 33.76 17.37
C ASP B 10 -6.78 32.39 17.37
N GLY B 11 -7.33 31.50 16.56
CA GLY B 11 -6.88 30.10 16.38
C GLY B 11 -5.52 30.02 15.70
N GLU B 12 -5.09 28.79 15.51
CA GLU B 12 -3.70 28.43 15.10
C GLU B 12 -3.37 29.01 13.71
N ASN B 13 -4.32 29.09 12.78
CA ASN B 13 -4.08 29.66 11.43
C ASN B 13 -3.81 31.16 11.53
N SER B 14 -4.14 31.78 12.67
CA SER B 14 -4.01 33.26 12.88
C SER B 14 -2.82 33.56 13.80
N TRP B 15 -2.23 32.55 14.46
CA TRP B 15 -1.08 32.72 15.38
C TRP B 15 0.02 33.56 14.72
N SER B 16 0.26 33.36 13.40
CA SER B 16 1.39 33.99 12.65
C SER B 16 1.26 35.51 12.60
N LYS B 17 0.05 36.04 12.79
CA LYS B 17 -0.16 37.52 12.77
C LYS B 17 0.61 38.22 13.90
N LYS B 18 0.52 37.72 15.13
CA LYS B 18 1.18 38.32 16.33
C LYS B 18 2.46 37.55 16.68
N TYR B 19 2.63 36.35 16.13
CA TYR B 19 3.79 35.46 16.40
C TYR B 19 4.32 34.94 15.06
N PRO B 20 5.13 35.79 14.40
CA PRO B 20 5.63 35.50 13.06
C PRO B 20 6.23 34.11 12.92
N SER B 21 6.88 33.60 13.97
CA SER B 21 7.64 32.34 13.87
C SER B 21 6.69 31.17 13.60
N CYS B 22 5.39 31.34 13.91
CA CYS B 22 4.33 30.31 13.75
C CYS B 22 4.14 30.02 12.25
N GLY B 23 4.50 30.98 11.39
CA GLY B 23 4.50 30.85 9.93
C GLY B 23 5.88 30.56 9.35
N GLY B 24 6.90 30.34 10.19
CA GLY B 24 8.30 30.16 9.76
C GLY B 24 8.68 28.70 9.59
N LEU B 25 10.00 28.45 9.69
CA LEU B 25 10.66 27.16 9.46
C LEU B 25 10.55 26.30 10.74
N LEU B 26 10.71 24.98 10.55
CA LEU B 26 10.95 23.97 11.61
C LEU B 26 9.75 23.90 12.57
N GLN B 27 8.51 24.04 12.09
CA GLN B 27 7.31 24.02 12.94
C GLN B 27 6.99 22.58 13.38
N SER B 28 6.58 22.43 14.63
CA SER B 28 6.08 21.19 15.25
C SER B 28 4.59 21.42 15.55
N PRO B 29 3.76 20.38 15.72
CA PRO B 29 4.19 19.00 15.68
C PRO B 29 4.10 18.45 14.25
N ILE B 30 4.50 17.20 14.09
CA ILE B 30 4.60 16.53 12.76
C ILE B 30 4.02 15.12 12.90
N ASP B 31 3.71 14.55 11.75
CA ASP B 31 3.39 13.11 11.60
C ASP B 31 4.71 12.33 11.48
N LEU B 32 4.89 11.35 12.36
CA LEU B 32 6.01 10.39 12.36
C LEU B 32 5.61 9.14 11.58
N HIS B 33 6.17 8.99 10.38
CA HIS B 33 5.87 7.89 9.43
C HIS B 33 7.16 7.45 8.74
N SER B 34 7.13 6.18 8.34
CA SER B 34 8.24 5.30 7.91
C SER B 34 9.15 6.02 6.92
N ASP B 35 8.58 6.68 5.91
CA ASP B 35 9.39 7.28 4.82
C ASP B 35 10.25 8.46 5.30
N ILE B 36 9.99 9.01 6.49
CA ILE B 36 10.83 10.14 6.99
C ILE B 36 11.62 9.70 8.22
N LEU B 37 11.63 8.41 8.58
CA LEU B 37 12.42 7.86 9.73
C LEU B 37 13.75 7.30 9.21
N GLN B 38 14.81 7.60 9.93
CA GLN B 38 16.15 7.06 9.60
C GLN B 38 16.81 6.68 10.92
N TYR B 39 17.18 5.41 11.05
CA TYR B 39 17.88 4.90 12.25
C TYR B 39 19.21 5.60 12.31
N ASP B 40 19.56 6.15 13.48
CA ASP B 40 20.89 6.74 13.74
C ASP B 40 21.48 6.07 14.99
N ALA B 41 22.35 5.09 14.77
CA ALA B 41 23.00 4.27 15.82
C ALA B 41 23.67 5.16 16.88
N SER B 42 23.93 6.44 16.58
CA SER B 42 24.63 7.36 17.49
C SER B 42 23.71 7.95 18.57
N LEU B 43 22.40 7.68 18.53
CA LEU B 43 21.41 8.18 19.54
C LEU B 43 21.33 7.23 20.75
N THR B 44 22.08 7.53 21.81
CA THR B 44 22.14 6.69 23.05
C THR B 44 21.04 7.10 24.04
N PRO B 45 20.85 6.34 25.15
CA PRO B 45 19.88 6.71 26.18
C PRO B 45 20.09 8.06 26.88
N LEU B 46 19.01 8.80 27.07
CA LEU B 46 18.97 9.95 27.99
C LEU B 46 18.95 9.41 29.43
N GLU B 47 19.54 10.20 30.33
CA GLU B 47 19.52 9.94 31.79
C GLU B 47 18.66 11.03 32.40
N PHE B 48 17.72 10.67 33.25
CA PHE B 48 16.82 11.64 33.90
C PHE B 48 17.35 11.82 35.33
N GLN B 49 17.93 12.99 35.66
CA GLN B 49 18.59 13.27 36.96
C GLN B 49 17.71 14.19 37.82
N GLY B 50 17.52 13.87 39.10
CA GLY B 50 16.74 14.66 40.05
C GLY B 50 15.27 14.65 39.68
N TYR B 51 14.80 13.62 38.97
CA TYR B 51 13.37 13.42 38.61
C TYR B 51 12.62 12.80 39.81
N ASN B 52 13.35 12.25 40.78
CA ASN B 52 12.72 11.65 42.00
C ASN B 52 12.47 12.72 43.06
N LEU B 53 11.36 13.43 42.93
CA LEU B 53 10.98 14.59 43.78
C LEU B 53 10.46 14.10 45.13
N SER B 54 10.91 14.72 46.22
CA SER B 54 10.45 14.41 47.60
C SER B 54 8.93 14.51 47.63
N ALA B 55 8.23 13.50 48.15
CA ALA B 55 6.77 13.57 48.44
C ALA B 55 6.50 14.55 49.58
N ASN B 56 7.55 15.00 50.27
CA ASN B 56 7.47 15.99 51.37
C ASN B 56 7.76 17.40 50.83
N LYS B 57 8.08 17.50 49.53
CA LYS B 57 8.12 18.79 48.79
C LYS B 57 6.83 18.93 47.97
N GLN B 58 6.38 20.17 47.78
CA GLN B 58 5.13 20.49 47.02
C GLN B 58 5.50 21.29 45.77
N PHE B 59 4.77 21.10 44.67
CA PHE B 59 5.04 21.71 43.34
C PHE B 59 3.75 22.32 42.81
N LEU B 60 3.85 23.53 42.26
CA LEU B 60 2.69 24.32 41.79
C LEU B 60 2.11 23.72 40.48
N LEU B 61 0.84 23.35 40.55
CA LEU B 61 -0.01 23.01 39.40
C LEU B 61 -0.88 24.22 39.06
N THR B 62 -0.92 24.65 37.78
CA THR B 62 -1.61 25.88 37.32
C THR B 62 -2.49 25.56 36.10
N ASN B 63 -3.68 26.15 36.04
CA ASN B 63 -4.48 26.28 34.78
C ASN B 63 -4.15 27.66 34.19
N ASN B 64 -3.42 27.72 33.07
CA ASN B 64 -3.05 29.00 32.40
C ASN B 64 -4.02 29.32 31.26
N GLY B 65 -5.10 28.54 31.12
CA GLY B 65 -6.12 28.71 30.06
C GLY B 65 -5.69 28.18 28.69
N HIS B 66 -4.54 27.52 28.59
CA HIS B 66 -4.06 26.80 27.38
C HIS B 66 -3.92 25.32 27.70
N SER B 67 -3.54 25.01 28.95
CA SER B 67 -3.22 23.65 29.43
C SER B 67 -3.23 23.70 30.95
N VAL B 68 -2.99 22.56 31.56
CA VAL B 68 -2.67 22.52 33.00
C VAL B 68 -1.16 22.26 33.03
N LYS B 69 -0.45 22.96 33.89
CA LYS B 69 1.01 22.95 33.94
C LYS B 69 1.43 22.63 35.37
N LEU B 70 2.41 21.76 35.54
CA LEU B 70 3.10 21.50 36.82
C LEU B 70 4.49 22.15 36.74
N ASN B 71 4.74 23.13 37.61
CA ASN B 71 6.07 23.76 37.75
C ASN B 71 7.06 22.70 38.24
N LEU B 72 8.26 22.69 37.66
CA LEU B 72 9.31 21.70 37.97
C LEU B 72 10.56 22.44 38.41
N PRO B 73 11.37 21.83 39.31
CA PRO B 73 12.58 22.47 39.81
C PRO B 73 13.72 22.29 38.80
N SER B 74 14.53 23.34 38.61
CA SER B 74 15.67 23.36 37.65
C SER B 74 16.75 22.31 37.98
N ASP B 75 16.79 21.83 39.22
CA ASP B 75 17.71 20.76 39.69
C ASP B 75 17.45 19.49 38.92
N MET B 76 16.29 19.37 38.33
CA MET B 76 16.00 18.20 37.57
C MET B 76 16.39 18.44 36.12
N HIS B 77 17.04 17.45 35.53
CA HIS B 77 17.58 17.58 34.20
C HIS B 77 17.91 16.35 33.39
N ILE B 78 18.21 16.60 32.15
CA ILE B 78 18.58 15.59 31.23
C ILE B 78 20.08 15.53 30.97
N GLN B 79 20.63 14.34 31.09
CA GLN B 79 22.02 14.04 30.79
C GLN B 79 22.02 13.22 29.50
N GLY B 80 22.94 13.46 28.63
CA GLY B 80 22.97 12.79 27.37
C GLY B 80 23.06 13.72 26.17
N LEU B 81 22.61 14.96 26.28
CA LEU B 81 22.71 15.91 25.19
C LEU B 81 24.04 16.71 25.31
N GLN B 82 24.31 17.57 24.33
CA GLN B 82 25.57 18.34 24.28
C GLN B 82 25.66 19.46 25.31
N SER B 83 24.52 19.91 25.76
CA SER B 83 24.36 20.86 26.87
C SER B 83 23.49 20.20 27.95
N ARG B 84 23.58 20.66 29.19
CA ARG B 84 22.60 20.23 30.21
C ARG B 84 21.32 21.03 29.96
N TYR B 85 20.18 20.33 29.94
CA TYR B 85 18.83 20.92 29.86
C TYR B 85 18.11 20.64 31.19
N SER B 86 17.70 21.71 31.85
CA SER B 86 17.07 21.67 33.19
C SER B 86 15.57 21.86 33.00
N ALA B 87 14.81 21.20 33.85
CA ALA B 87 13.34 21.18 33.79
C ALA B 87 12.79 22.55 34.16
N THR B 88 11.65 22.88 33.57
CA THR B 88 10.94 24.14 33.88
C THR B 88 9.48 23.79 34.26
N GLN B 89 8.82 22.97 33.45
CA GLN B 89 7.39 22.61 33.68
C GLN B 89 7.04 21.37 32.86
N LEU B 90 5.94 20.69 33.22
CA LEU B 90 5.30 19.71 32.32
C LEU B 90 3.86 20.16 32.13
N HIS B 91 3.28 19.82 30.98
CA HIS B 91 1.89 20.21 30.63
C HIS B 91 1.34 19.14 29.69
N LEU B 92 0.04 19.17 29.39
CA LEU B 92 -0.59 18.14 28.54
C LEU B 92 -1.37 18.77 27.40
N HIS B 93 -1.61 17.92 26.42
CA HIS B 93 -2.48 18.23 25.26
C HIS B 93 -3.49 17.10 25.13
N TRP B 94 -4.75 17.44 24.91
CA TRP B 94 -5.82 16.42 24.75
C TRP B 94 -6.90 16.90 23.78
N GLY B 95 -7.81 15.98 23.44
CA GLY B 95 -8.96 16.26 22.57
C GLY B 95 -10.23 16.54 23.37
N ASN B 96 -11.21 15.68 23.18
CA ASN B 96 -12.58 15.90 23.71
C ASN B 96 -13.26 14.55 23.82
N PRO B 97 -14.29 14.41 24.68
CA PRO B 97 -14.90 13.10 24.94
C PRO B 97 -15.53 12.45 23.68
N ASN B 98 -16.08 13.22 22.74
CA ASN B 98 -16.68 12.62 21.51
C ASN B 98 -15.59 12.12 20.56
N ASP B 99 -14.37 12.65 20.70
CA ASP B 99 -13.22 12.43 19.77
C ASP B 99 -11.94 12.44 20.61
N PRO B 100 -11.65 11.33 21.35
CA PRO B 100 -10.60 11.32 22.38
C PRO B 100 -9.22 11.02 21.78
N HIS B 101 -8.76 11.89 20.88
CA HIS B 101 -7.53 11.73 20.05
C HIS B 101 -6.83 13.08 19.93
N GLY B 102 -6.15 13.54 20.98
CA GLY B 102 -5.69 14.94 21.05
C GLY B 102 -4.19 15.05 21.28
N SER B 103 -3.42 14.03 20.98
CA SER B 103 -1.95 14.15 20.90
C SER B 103 -1.59 15.20 19.83
N GLU B 104 -0.39 15.74 19.94
CA GLU B 104 0.11 16.74 18.99
C GLU B 104 0.84 16.00 17.88
N HIS B 105 1.79 15.15 18.22
CA HIS B 105 2.48 14.27 17.24
C HIS B 105 1.55 13.10 16.91
N THR B 106 1.67 12.60 15.67
CA THR B 106 0.92 11.44 15.13
C THR B 106 1.95 10.42 14.67
N VAL B 107 1.62 9.13 14.79
CA VAL B 107 2.41 8.02 14.21
C VAL B 107 1.59 7.38 13.07
N SER B 108 2.09 7.42 11.83
CA SER B 108 1.41 6.85 10.63
C SER B 108 0.01 7.46 10.50
N GLY B 109 -0.06 8.77 10.74
CA GLY B 109 -1.27 9.58 10.66
C GLY B 109 -2.19 9.35 11.84
N GLN B 110 -1.81 8.54 12.84
CA GLN B 110 -2.73 8.25 13.98
C GLN B 110 -2.44 9.16 15.19
N HIS B 111 -3.50 9.82 15.69
CA HIS B 111 -3.50 10.59 16.95
C HIS B 111 -3.61 9.59 18.11
N PHE B 112 -2.78 9.77 19.14
CA PHE B 112 -2.95 9.13 20.46
C PHE B 112 -3.97 9.96 21.26
N ALA B 113 -4.42 9.41 22.39
CA ALA B 113 -5.46 10.04 23.24
C ALA B 113 -4.94 11.42 23.64
N ALA B 114 -3.70 11.47 24.12
CA ALA B 114 -3.11 12.70 24.69
C ALA B 114 -1.59 12.69 24.54
N GLU B 115 -0.98 13.80 24.97
CA GLU B 115 0.50 13.94 24.95
C GLU B 115 0.94 14.80 26.14
N LEU B 116 1.92 14.30 26.86
CA LEU B 116 2.58 15.00 27.97
C LEU B 116 3.86 15.57 27.40
N HIS B 117 4.15 16.82 27.71
CA HIS B 117 5.42 17.50 27.38
C HIS B 117 6.13 17.86 28.68
N ILE B 118 7.37 17.42 28.84
CA ILE B 118 8.29 17.87 29.93
C ILE B 118 9.28 18.83 29.28
N VAL B 119 9.08 20.12 29.51
CA VAL B 119 9.86 21.24 28.91
C VAL B 119 11.13 21.46 29.75
N HIS B 120 12.27 21.41 29.09
CA HIS B 120 13.60 21.74 29.65
C HIS B 120 14.23 22.90 28.88
N TYR B 121 15.22 23.58 29.48
CA TYR B 121 15.90 24.72 28.80
C TYR B 121 17.40 24.55 28.97
N ASN B 122 18.15 25.14 28.04
CA ASN B 122 19.63 25.10 28.00
C ASN B 122 20.17 25.96 29.13
N SER B 123 20.40 25.32 30.29
CA SER B 123 20.83 26.01 31.54
C SER B 123 22.34 26.28 31.50
N ASP B 124 23.09 25.60 30.63
CA ASP B 124 24.51 25.98 30.38
C ASP B 124 24.59 27.38 29.75
N LEU B 125 23.69 27.76 28.85
CA LEU B 125 23.75 29.06 28.11
C LEU B 125 22.78 30.10 28.69
N TYR B 126 21.66 29.68 29.28
CA TYR B 126 20.53 30.59 29.56
C TYR B 126 20.07 30.43 31.01
N PRO B 127 19.67 31.56 31.65
CA PRO B 127 19.22 31.54 33.04
C PRO B 127 17.86 30.87 33.30
N ASP B 128 17.01 30.79 32.27
CA ASP B 128 15.57 30.43 32.45
C ASP B 128 15.00 30.00 31.09
N ALA B 129 13.82 29.36 31.10
CA ALA B 129 13.14 28.87 29.88
C ALA B 129 12.69 30.04 29.01
N SER B 130 12.20 31.13 29.64
CA SER B 130 11.72 32.37 28.98
C SER B 130 12.83 32.94 28.10
N THR B 131 13.98 33.21 28.70
CA THR B 131 15.20 33.69 27.99
C THR B 131 15.72 32.67 26.97
N ALA B 132 15.63 31.36 27.27
CA ALA B 132 16.14 30.31 26.36
C ALA B 132 15.22 30.19 25.13
N SER B 133 13.92 30.43 25.31
CA SER B 133 12.85 30.05 24.36
C SER B 133 13.16 30.51 22.93
N ASN B 134 13.76 31.69 22.74
CA ASN B 134 13.94 32.29 21.39
C ASN B 134 15.41 32.30 21.03
N LYS B 135 16.19 31.37 21.57
CA LYS B 135 17.64 31.35 21.30
C LYS B 135 18.03 29.98 20.78
N SER B 136 19.14 29.95 20.05
CA SER B 136 19.71 28.71 19.48
C SER B 136 19.82 27.68 20.61
N GLU B 137 19.41 26.45 20.31
CA GLU B 137 19.55 25.26 21.18
C GLU B 137 18.90 25.54 22.53
N GLY B 138 17.89 26.42 22.55
CA GLY B 138 17.28 26.94 23.78
C GLY B 138 16.56 25.87 24.57
N LEU B 139 15.72 25.07 23.90
CA LEU B 139 14.70 24.19 24.57
C LEU B 139 14.89 22.74 24.14
N ALA B 140 14.53 21.82 25.05
CA ALA B 140 14.41 20.37 24.80
C ALA B 140 13.13 19.87 25.47
N VAL B 141 12.28 19.15 24.71
CA VAL B 141 11.04 18.57 25.27
C VAL B 141 11.17 17.04 25.20
N LEU B 142 10.79 16.38 26.28
CA LEU B 142 10.43 14.95 26.29
C LEU B 142 8.91 14.84 26.09
N ALA B 143 8.52 14.12 25.04
CA ALA B 143 7.12 13.92 24.63
C ALA B 143 6.76 12.47 24.92
N VAL B 144 5.67 12.29 25.65
CA VAL B 144 5.11 10.97 25.97
C VAL B 144 3.74 10.91 25.31
N LEU B 145 3.52 9.94 24.43
CA LEU B 145 2.19 9.64 23.85
C LEU B 145 1.38 8.83 24.88
N ILE B 146 0.11 9.17 25.02
CA ILE B 146 -0.82 8.66 26.05
C ILE B 146 -1.96 7.99 25.30
N GLU B 147 -2.23 6.71 25.58
CA GLU B 147 -3.39 5.95 25.04
C GLU B 147 -4.32 5.51 26.18
N MET B 148 -5.59 5.24 25.87
CA MET B 148 -6.55 4.54 26.78
C MET B 148 -5.98 3.17 27.17
N GLY B 149 -6.15 2.76 28.43
CA GLY B 149 -5.67 1.45 28.90
C GLY B 149 -5.90 1.26 30.39
N SER B 150 -4.99 0.58 31.07
CA SER B 150 -5.06 0.34 32.53
C SER B 150 -4.80 1.66 33.29
N PHE B 151 -5.43 1.74 34.46
CA PHE B 151 -5.25 2.82 35.45
C PHE B 151 -3.75 3.03 35.69
N ASN B 152 -3.34 4.30 35.71
CA ASN B 152 -1.92 4.72 35.88
C ASN B 152 -1.82 5.47 37.20
N PRO B 153 -1.32 4.81 38.28
CA PRO B 153 -1.26 5.44 39.59
C PRO B 153 -0.42 6.73 39.50
N SER B 154 0.66 6.72 38.70
CA SER B 154 1.63 7.84 38.62
C SER B 154 1.00 9.09 37.99
N TYR B 155 0.28 8.96 36.86
CA TYR B 155 -0.46 10.08 36.23
C TYR B 155 -1.58 10.54 37.15
N ASP B 156 -2.09 9.65 38.00
CA ASP B 156 -3.20 10.07 38.90
C ASP B 156 -2.66 10.99 39.99
N LYS B 157 -1.35 10.96 40.26
CA LYS B 157 -0.70 11.92 41.17
C LYS B 157 -0.89 13.34 40.63
N ILE B 158 -1.18 13.50 39.34
CA ILE B 158 -1.50 14.83 38.74
C ILE B 158 -3.00 15.00 38.66
N PHE B 159 -3.69 14.04 38.03
CA PHE B 159 -5.12 14.17 37.65
C PHE B 159 -5.99 14.26 38.91
N SER B 160 -5.52 13.70 40.04
CA SER B 160 -6.28 13.75 41.31
C SER B 160 -6.46 15.20 41.78
N HIS B 161 -5.71 16.16 41.23
CA HIS B 161 -5.76 17.59 41.67
C HIS B 161 -6.41 18.52 40.63
N LEU B 162 -6.93 18.00 39.51
CA LEU B 162 -7.52 18.87 38.44
C LEU B 162 -8.69 19.66 39.03
N GLN B 163 -9.42 19.02 39.94
CA GLN B 163 -10.57 19.62 40.66
C GLN B 163 -10.20 21.02 41.18
N HIS B 164 -8.97 21.20 41.70
CA HIS B 164 -8.54 22.49 42.35
C HIS B 164 -8.10 23.56 41.35
N VAL B 165 -7.95 23.23 40.06
CA VAL B 165 -7.51 24.20 39.02
C VAL B 165 -8.47 24.16 37.82
N LYS B 166 -9.77 23.90 38.09
CA LYS B 166 -10.87 23.94 37.08
C LYS B 166 -10.73 25.14 36.13
N TYR B 167 -10.48 26.34 36.66
CA TYR B 167 -10.58 27.60 35.88
C TYR B 167 -9.22 28.25 35.63
N LYS B 168 -9.18 29.04 34.57
CA LYS B 168 -8.01 29.89 34.24
C LYS B 168 -7.61 30.62 35.53
N GLY B 169 -6.32 30.65 35.87
CA GLY B 169 -5.82 31.36 37.06
C GLY B 169 -5.64 30.48 38.28
N GLN B 170 -6.49 29.48 38.49
CA GLN B 170 -6.47 28.65 39.73
C GLN B 170 -5.10 27.94 39.83
N GLU B 171 -4.64 27.70 41.07
CA GLU B 171 -3.31 27.11 41.37
C GLU B 171 -3.48 26.11 42.50
N ALA B 172 -2.60 25.12 42.57
CA ALA B 172 -2.67 24.02 43.56
C ALA B 172 -1.32 23.35 43.70
N PHE B 173 -1.11 22.69 44.83
CA PHE B 173 0.19 22.09 45.21
C PHE B 173 0.08 20.57 45.16
N VAL B 174 1.16 19.95 44.75
CA VAL B 174 1.22 18.50 44.45
C VAL B 174 2.44 17.94 45.15
N PRO B 175 2.25 17.02 46.11
CA PRO B 175 3.40 16.40 46.73
C PRO B 175 4.24 15.93 45.55
N GLY B 176 5.55 15.94 45.71
CA GLY B 176 6.52 15.40 44.74
C GLY B 176 6.32 13.91 44.53
N PHE B 177 6.43 13.45 43.30
CA PHE B 177 6.62 12.02 42.97
C PHE B 177 7.75 11.86 41.97
N ASN B 178 8.11 10.61 41.70
CA ASN B 178 9.14 10.26 40.72
C ASN B 178 8.55 10.59 39.35
N ILE B 179 8.96 11.71 38.78
CA ILE B 179 8.53 12.15 37.42
C ILE B 179 8.95 11.11 36.35
N GLU B 180 10.05 10.39 36.52
CA GLU B 180 10.43 9.30 35.58
C GLU B 180 9.31 8.23 35.50
N GLU B 181 8.40 8.16 36.49
CA GLU B 181 7.24 7.23 36.53
C GLU B 181 6.21 7.57 35.43
N LEU B 182 6.24 8.78 34.87
CA LEU B 182 5.31 9.29 33.81
C LEU B 182 5.82 8.84 32.42
N LEU B 183 7.06 8.38 32.37
CA LEU B 183 7.73 7.95 31.13
C LEU B 183 7.33 6.51 30.83
N PRO B 184 7.31 6.13 29.53
CA PRO B 184 6.93 4.80 29.12
C PRO B 184 8.09 3.84 29.37
N GLU B 185 7.84 2.57 29.07
CA GLU B 185 8.90 1.55 28.98
C GLU B 185 9.86 1.88 27.84
N ARG B 186 11.10 1.43 27.98
CA ARG B 186 12.18 1.48 26.97
C ARG B 186 12.33 2.91 26.44
N THR B 187 12.66 3.83 27.34
CA THR B 187 12.96 5.25 27.01
C THR B 187 14.23 5.31 26.13
N ALA B 188 14.97 4.20 25.95
CA ALA B 188 16.11 4.16 25.00
C ALA B 188 15.61 4.31 23.56
N GLU B 189 14.33 3.94 23.33
CA GLU B 189 13.62 4.00 22.03
C GLU B 189 12.85 5.31 21.90
N TYR B 190 13.30 6.18 20.99
CA TYR B 190 12.71 7.51 20.80
C TYR B 190 12.90 8.01 19.38
N TYR B 191 12.03 8.93 19.00
CA TYR B 191 12.16 9.76 17.78
C TYR B 191 12.87 11.04 18.19
N ARG B 192 13.71 11.59 17.30
CA ARG B 192 14.53 12.81 17.56
C ARG B 192 14.55 13.74 16.34
N TYR B 193 14.16 15.00 16.50
CA TYR B 193 14.18 15.99 15.40
C TYR B 193 14.23 17.41 15.99
N ARG B 194 14.76 18.33 15.20
CA ARG B 194 14.73 19.78 15.57
C ARG B 194 13.40 20.38 15.12
N GLY B 195 12.67 20.99 16.04
CA GLY B 195 11.47 21.73 15.67
C GLY B 195 11.23 22.95 16.50
N SER B 196 9.97 23.15 16.86
CA SER B 196 9.46 24.40 17.46
C SER B 196 8.63 24.12 18.72
N LEU B 197 8.36 25.20 19.45
CA LEU B 197 7.23 25.23 20.39
C LEU B 197 5.99 24.90 19.54
N THR B 198 5.07 24.10 20.06
CA THR B 198 3.76 23.85 19.40
C THR B 198 2.76 24.93 19.77
N THR B 199 3.17 25.91 20.58
CA THR B 199 2.32 27.03 21.03
C THR B 199 3.03 28.31 20.63
N PRO B 200 2.30 29.44 20.46
CA PRO B 200 2.96 30.75 20.34
C PRO B 200 3.98 30.82 21.45
N PRO B 201 5.16 31.48 21.24
CA PRO B 201 5.55 32.11 19.96
C PRO B 201 6.11 31.23 18.84
N CYS B 202 6.04 29.92 19.00
CA CYS B 202 6.38 28.91 17.97
C CYS B 202 7.87 28.98 17.58
N ASN B 203 8.75 29.45 18.45
CA ASN B 203 10.20 29.63 18.12
C ASN B 203 10.77 28.28 17.68
N PRO B 204 11.60 28.27 16.60
CA PRO B 204 12.22 27.04 16.10
C PRO B 204 13.47 26.59 16.88
N THR B 205 13.29 26.41 18.20
CA THR B 205 14.37 26.36 19.22
C THR B 205 14.31 25.04 19.99
N VAL B 206 13.48 24.08 19.58
CA VAL B 206 13.19 22.89 20.42
C VAL B 206 13.86 21.66 19.81
N LEU B 207 14.64 20.95 20.61
CA LEU B 207 15.09 19.58 20.29
C LEU B 207 14.03 18.63 20.85
N TRP B 208 13.31 17.98 19.95
CA TRP B 208 12.21 17.03 20.27
C TRP B 208 12.75 15.63 20.47
N THR B 209 12.32 15.00 21.56
CA THR B 209 12.50 13.55 21.86
C THR B 209 11.11 13.00 22.16
N VAL B 210 10.57 12.24 21.21
CA VAL B 210 9.21 11.63 21.31
C VAL B 210 9.49 10.16 21.58
N PHE B 211 9.13 9.67 22.77
CA PHE B 211 9.31 8.24 23.11
C PHE B 211 8.43 7.42 22.19
N ARG B 212 9.04 6.35 21.69
CA ARG B 212 8.46 5.37 20.76
C ARG B 212 7.20 4.75 21.34
N ASN B 213 7.27 4.36 22.62
CA ASN B 213 6.22 3.57 23.31
C ASN B 213 5.31 4.54 24.05
N PRO B 214 3.98 4.42 23.89
CA PRO B 214 3.06 5.21 24.68
C PRO B 214 3.00 4.69 26.13
N VAL B 215 2.42 5.51 26.98
CA VAL B 215 1.86 5.07 28.28
C VAL B 215 0.34 4.86 28.10
N GLN B 216 -0.25 4.20 29.10
CA GLN B 216 -1.70 3.95 29.27
C GLN B 216 -2.20 4.70 30.51
N ILE B 217 -3.32 5.39 30.35
CA ILE B 217 -4.22 5.82 31.46
C ILE B 217 -5.60 5.19 31.22
N SER B 218 -6.38 5.03 32.30
CA SER B 218 -7.72 4.38 32.25
C SER B 218 -8.68 5.30 31.51
N GLN B 219 -9.76 4.75 30.93
CA GLN B 219 -10.79 5.57 30.26
C GLN B 219 -11.28 6.66 31.22
N GLU B 220 -11.29 6.42 32.53
CA GLU B 220 -11.85 7.37 33.53
C GLU B 220 -10.85 8.52 33.74
N GLN B 221 -9.55 8.21 33.77
CA GLN B 221 -8.47 9.25 33.89
C GLN B 221 -8.53 10.21 32.68
N LEU B 222 -8.55 9.65 31.47
CA LEU B 222 -8.63 10.45 30.23
C LEU B 222 -9.87 11.35 30.27
N LEU B 223 -11.01 10.81 30.68
CA LEU B 223 -12.28 11.57 30.71
C LEU B 223 -12.20 12.77 31.68
N ALA B 224 -11.66 12.57 32.89
CA ALA B 224 -11.37 13.62 33.89
C ALA B 224 -10.58 14.76 33.23
N LEU B 225 -9.46 14.42 32.60
CA LEU B 225 -8.61 15.43 31.91
C LEU B 225 -9.42 16.21 30.90
N GLU B 226 -10.15 15.51 30.03
CA GLU B 226 -10.93 16.14 28.92
C GLU B 226 -12.06 17.03 29.47
N THR B 227 -12.55 16.78 30.69
CA THR B 227 -13.81 17.40 31.20
C THR B 227 -13.58 18.27 32.46
N ALA B 228 -12.45 18.12 33.16
CA ALA B 228 -12.21 18.80 34.46
C ALA B 228 -12.03 20.30 34.26
N LEU B 229 -11.51 20.78 33.13
CA LEU B 229 -10.93 22.15 33.06
C LEU B 229 -11.64 23.04 32.05
N TYR B 230 -11.58 24.34 32.34
CA TYR B 230 -12.10 25.46 31.53
C TYR B 230 -10.93 26.38 31.19
N CYS B 231 -10.98 27.08 30.05
CA CYS B 231 -9.91 28.05 29.66
C CYS B 231 -10.34 29.47 30.05
N THR B 232 -11.53 29.62 30.62
CA THR B 232 -12.07 30.93 31.11
C THR B 232 -11.93 31.02 32.64
N HIS B 233 -12.00 32.26 33.15
CA HIS B 233 -11.94 32.61 34.59
C HIS B 233 -13.18 32.06 35.30
N MET B 234 -13.04 31.71 36.59
CA MET B 234 -14.10 31.06 37.42
C MET B 234 -15.43 31.77 37.26
N ASP B 235 -15.43 33.10 37.02
CA ASP B 235 -16.70 33.86 36.89
C ASP B 235 -16.74 34.55 35.53
N ASP B 236 -16.18 33.94 34.48
CA ASP B 236 -16.56 34.31 33.10
C ASP B 236 -18.04 34.00 33.00
N PRO B 237 -18.87 34.90 32.43
CA PRO B 237 -20.29 34.63 32.21
C PRO B 237 -20.47 33.46 31.21
N SER B 238 -19.64 33.43 30.16
CA SER B 238 -19.63 32.44 29.06
C SER B 238 -18.47 31.47 29.21
N PRO B 239 -18.55 30.46 30.09
CA PRO B 239 -17.45 29.50 30.24
C PRO B 239 -17.15 28.78 28.91
N ARG B 240 -15.87 28.41 28.72
CA ARG B 240 -15.38 27.57 27.60
C ARG B 240 -14.64 26.39 28.21
N GLU B 241 -15.10 25.18 27.91
CA GLU B 241 -14.46 23.88 28.23
C GLU B 241 -13.04 23.87 27.63
N MET B 242 -12.00 23.49 28.36
CA MET B 242 -10.61 23.40 27.79
C MET B 242 -10.42 22.03 27.13
N ILE B 243 -10.58 21.99 25.80
CA ILE B 243 -10.51 20.75 24.98
C ILE B 243 -9.78 21.05 23.67
N ASN B 244 -9.30 20.02 23.00
CA ASN B 244 -8.73 20.20 21.64
C ASN B 244 -7.61 21.24 21.70
N ASN B 245 -6.78 21.16 22.74
CA ASN B 245 -5.69 22.13 23.02
C ASN B 245 -4.40 21.57 22.40
N PHE B 246 -4.49 21.12 21.14
CA PHE B 246 -3.35 20.59 20.37
C PHE B 246 -3.28 21.33 19.03
N ARG B 247 -2.07 21.48 18.51
CA ARG B 247 -1.84 22.08 17.17
C ARG B 247 -2.00 20.99 16.12
N GLN B 248 -2.57 21.31 14.96
CA GLN B 248 -2.57 20.41 13.77
C GLN B 248 -1.12 20.11 13.36
N VAL B 249 -0.85 18.91 12.85
CA VAL B 249 0.50 18.58 12.33
C VAL B 249 0.85 19.55 11.20
N GLN B 250 2.16 19.87 11.14
CA GLN B 250 2.78 20.77 10.14
C GLN B 250 3.35 19.98 8.97
N LYS B 251 3.51 20.62 7.82
CA LYS B 251 4.24 20.06 6.66
C LYS B 251 5.70 19.87 7.06
N PHE B 252 6.32 18.78 6.65
CA PHE B 252 7.70 18.43 7.07
C PHE B 252 8.48 18.06 5.82
N ASP B 253 8.88 19.07 5.05
CA ASP B 253 9.31 18.91 3.63
C ASP B 253 10.82 18.67 3.63
N GLU B 254 11.27 17.58 3.00
CA GLU B 254 12.70 17.27 2.74
C GLU B 254 13.47 17.31 4.07
N ARG B 255 13.01 16.50 5.01
CA ARG B 255 13.66 16.36 6.33
C ARG B 255 13.44 14.94 6.86
N LEU B 256 14.22 14.59 7.89
CA LEU B 256 14.17 13.27 8.54
C LEU B 256 13.92 13.48 10.03
N VAL B 257 13.18 12.54 10.60
CA VAL B 257 13.18 12.25 12.06
C VAL B 257 14.15 11.10 12.23
N TYR B 258 15.07 11.20 13.18
CA TYR B 258 16.07 10.14 13.47
C TYR B 258 15.45 9.25 14.53
N THR B 259 15.69 7.94 14.45
CA THR B 259 15.24 6.99 15.51
C THR B 259 16.46 6.37 16.22
N SER B 260 16.34 6.22 17.53
CA SER B 260 17.32 5.47 18.37
C SER B 260 17.16 3.97 18.12
N PHE B 261 16.09 3.56 17.41
CA PHE B 261 15.70 2.14 17.18
C PHE B 261 15.70 1.84 15.69
N SER B 262 16.17 0.64 15.33
CA SER B 262 16.44 0.18 13.94
C SER B 262 15.14 -0.06 13.16
N LYS C 3 -1.11 0.16 1.09
CA LYS C 3 -1.74 -1.14 1.47
C LYS C 3 -1.54 -2.16 0.33
N TRP C 4 -1.47 -3.42 0.72
CA TRP C 4 -1.31 -4.57 -0.18
C TRP C 4 -1.80 -5.79 0.61
N THR C 5 -2.28 -6.82 -0.08
CA THR C 5 -2.80 -8.05 0.56
C THR C 5 -2.29 -9.28 -0.21
N TYR C 6 -2.80 -10.46 0.14
CA TYR C 6 -2.60 -11.68 -0.68
C TYR C 6 -3.89 -12.14 -1.34
N PHE C 7 -4.96 -11.34 -1.28
CA PHE C 7 -6.29 -11.72 -1.83
C PHE C 7 -6.96 -10.51 -2.48
N GLY C 8 -7.52 -10.68 -3.70
CA GLY C 8 -8.41 -9.69 -4.39
C GLY C 8 -7.69 -8.48 -4.99
N PRO C 9 -8.29 -7.26 -4.97
CA PRO C 9 -7.82 -6.14 -5.78
C PRO C 9 -6.40 -5.68 -5.45
N ASP C 10 -6.03 -5.79 -4.18
CA ASP C 10 -4.75 -5.29 -3.61
C ASP C 10 -3.73 -6.43 -3.51
N GLY C 11 -4.09 -7.62 -4.02
CA GLY C 11 -3.26 -8.81 -4.07
C GLY C 11 -2.06 -8.67 -5.02
N GLU C 12 -1.36 -9.78 -5.22
CA GLU C 12 0.03 -9.78 -5.74
C GLU C 12 0.08 -9.38 -7.22
N ASN C 13 -0.99 -9.56 -7.98
CA ASN C 13 -1.00 -9.16 -9.41
C ASN C 13 -1.10 -7.62 -9.48
N SER C 14 -1.51 -6.96 -8.40
CA SER C 14 -1.68 -5.48 -8.33
C SER C 14 -0.52 -4.80 -7.59
N TRP C 15 0.38 -5.55 -6.92
CA TRP C 15 1.47 -4.96 -6.08
C TRP C 15 2.27 -3.94 -6.90
N SER C 16 2.61 -4.33 -8.13
CA SER C 16 3.44 -3.54 -9.09
C SER C 16 2.88 -2.12 -9.30
N LYS C 17 1.56 -1.91 -9.11
CA LYS C 17 0.92 -0.57 -9.29
C LYS C 17 1.45 0.44 -8.26
N LYS C 18 1.85 -0.04 -7.08
CA LYS C 18 2.32 0.79 -5.95
C LYS C 18 3.79 0.56 -5.70
N TYR C 19 4.30 -0.61 -6.06
CA TYR C 19 5.63 -1.07 -5.66
C TYR C 19 6.34 -1.54 -6.91
N PRO C 20 6.98 -0.60 -7.65
CA PRO C 20 7.45 -0.88 -9.01
C PRO C 20 8.31 -2.14 -9.07
N SER C 21 9.09 -2.42 -8.03
CA SER C 21 10.11 -3.52 -8.08
C SER C 21 9.37 -4.87 -8.10
N CYS C 22 8.13 -4.86 -7.64
CA CYS C 22 7.25 -6.06 -7.70
C CYS C 22 6.97 -6.48 -9.15
N GLY C 23 7.12 -5.56 -10.12
CA GLY C 23 6.97 -5.86 -11.55
C GLY C 23 8.30 -5.87 -12.29
N GLY C 24 9.43 -5.85 -11.57
CA GLY C 24 10.77 -5.82 -12.17
C GLY C 24 11.40 -7.22 -12.22
N LEU C 25 12.73 -7.29 -12.33
CA LEU C 25 13.43 -8.59 -12.54
C LEU C 25 13.77 -9.19 -11.17
N LEU C 26 14.16 -10.46 -11.23
CA LEU C 26 14.80 -11.23 -10.12
C LEU C 26 13.85 -11.35 -8.94
N GLN C 27 12.60 -11.67 -9.20
CA GLN C 27 11.58 -11.81 -8.13
C GLN C 27 11.66 -13.22 -7.50
N SER C 28 11.26 -13.29 -6.24
CA SER C 28 11.11 -14.53 -5.44
C SER C 28 9.65 -14.60 -5.00
N PRO C 29 9.11 -15.75 -4.59
CA PRO C 29 9.86 -17.00 -4.60
C PRO C 29 9.92 -17.67 -5.99
N ILE C 30 10.51 -18.87 -6.02
CA ILE C 30 10.65 -19.64 -7.28
C ILE C 30 10.44 -21.10 -6.97
N ASP C 31 10.21 -21.88 -8.02
CA ASP C 31 10.09 -23.35 -7.93
C ASP C 31 11.48 -23.99 -8.12
N LEU C 32 11.94 -24.72 -7.10
CA LEU C 32 13.25 -25.43 -7.10
C LEU C 32 13.06 -26.74 -7.88
N HIS C 33 13.61 -26.83 -9.09
CA HIS C 33 13.39 -28.03 -9.95
C HIS C 33 14.66 -28.27 -10.75
N SER C 34 14.96 -29.55 -11.05
CA SER C 34 16.30 -30.05 -11.48
C SER C 34 16.85 -29.33 -12.71
N ASP C 35 16.00 -28.98 -13.67
CA ASP C 35 16.43 -28.33 -14.94
C ASP C 35 17.19 -27.03 -14.68
N ILE C 36 17.00 -26.38 -13.52
CA ILE C 36 17.55 -25.01 -13.26
C ILE C 36 18.53 -25.04 -12.08
N LEU C 37 18.89 -26.22 -11.58
CA LEU C 37 19.87 -26.40 -10.49
C LEU C 37 21.27 -26.61 -11.06
N GLN C 38 22.27 -26.02 -10.42
CA GLN C 38 23.68 -26.25 -10.79
C GLN C 38 24.54 -26.24 -9.53
N TYR C 39 25.23 -27.36 -9.33
CA TYR C 39 26.23 -27.53 -8.27
C TYR C 39 27.28 -26.43 -8.38
N ASP C 40 27.69 -25.91 -7.23
CA ASP C 40 28.68 -24.82 -7.13
C ASP C 40 29.57 -25.18 -5.98
N ALA C 41 30.83 -25.50 -6.28
CA ALA C 41 31.87 -25.88 -5.28
C ALA C 41 32.21 -24.68 -4.38
N SER C 42 31.93 -23.42 -4.74
CA SER C 42 32.24 -22.26 -3.87
C SER C 42 31.23 -22.13 -2.72
N LEU C 43 30.13 -22.88 -2.73
CA LEU C 43 29.05 -22.80 -1.69
C LEU C 43 29.42 -23.68 -0.48
N THR C 44 30.09 -23.05 0.47
CA THR C 44 30.69 -23.66 1.68
C THR C 44 29.65 -23.52 2.78
N PRO C 45 29.73 -24.32 3.87
CA PRO C 45 28.85 -24.14 5.03
C PRO C 45 28.79 -22.73 5.63
N LEU C 46 27.56 -22.22 5.82
CA LEU C 46 27.32 -20.98 6.60
C LEU C 46 27.60 -21.27 8.06
N GLU C 47 27.96 -20.23 8.83
CA GLU C 47 28.11 -20.29 10.31
C GLU C 47 27.06 -19.38 10.90
N PHE C 48 26.34 -19.88 11.90
CA PHE C 48 25.26 -19.14 12.61
C PHE C 48 25.84 -18.73 13.96
N GLN C 49 26.27 -17.48 14.06
CA GLN C 49 26.91 -16.90 15.28
C GLN C 49 25.84 -16.14 16.09
N GLY C 50 25.84 -16.33 17.40
CA GLY C 50 24.96 -15.55 18.30
C GLY C 50 23.50 -15.92 18.13
N TYR C 51 23.22 -17.11 17.55
CA TYR C 51 21.85 -17.64 17.35
C TYR C 51 21.26 -18.12 18.68
N ASN C 52 22.13 -18.41 19.66
CA ASN C 52 21.74 -19.06 20.93
C ASN C 52 21.32 -17.98 21.93
N LEU C 53 20.07 -17.53 21.83
CA LEU C 53 19.54 -16.38 22.60
C LEU C 53 19.16 -16.86 24.00
N SER C 54 19.58 -16.14 25.04
CA SER C 54 19.31 -16.51 26.45
C SER C 54 17.79 -16.60 26.69
N ALA C 55 17.36 -17.71 27.28
CA ALA C 55 15.97 -17.97 27.71
C ALA C 55 15.61 -17.04 28.86
N ASN C 56 16.59 -16.37 29.47
CA ASN C 56 16.34 -15.31 30.46
C ASN C 56 16.18 -13.95 29.80
N LYS C 57 16.54 -13.74 28.53
CA LYS C 57 16.26 -12.44 27.84
C LYS C 57 14.89 -12.52 27.11
N GLN C 58 14.42 -11.40 26.58
CA GLN C 58 13.03 -11.25 26.03
C GLN C 58 13.18 -10.65 24.63
N PHE C 59 12.38 -11.10 23.68
CA PHE C 59 12.41 -10.65 22.27
C PHE C 59 10.99 -10.31 21.84
N LEU C 60 10.81 -9.25 21.08
CA LEU C 60 9.45 -8.78 20.74
C LEU C 60 8.89 -9.63 19.60
N LEU C 61 7.77 -10.28 19.85
CA LEU C 61 6.92 -10.85 18.78
C LEU C 61 5.89 -9.78 18.39
N THR C 62 5.67 -9.59 17.09
CA THR C 62 4.66 -8.64 16.58
C THR C 62 3.84 -9.20 15.42
N ASN C 63 2.58 -8.80 15.41
CA ASN C 63 1.67 -8.90 14.26
C ASN C 63 1.84 -7.60 13.48
N ASN C 64 2.41 -7.69 12.29
CA ASN C 64 2.68 -6.49 11.45
C ASN C 64 1.59 -6.35 10.37
N GLY C 65 0.51 -7.13 10.45
CA GLY C 65 -0.57 -7.10 9.44
C GLY C 65 -0.33 -8.03 8.24
N HIS C 66 0.83 -8.66 8.11
CA HIS C 66 1.22 -9.48 6.92
C HIS C 66 1.77 -10.84 7.36
N SER C 67 2.33 -10.91 8.55
CA SER C 67 2.90 -12.13 9.16
C SER C 67 3.02 -11.92 10.66
N VAL C 68 3.50 -12.93 11.37
CA VAL C 68 3.96 -12.75 12.76
C VAL C 68 5.47 -12.71 12.66
N LYS C 69 6.06 -11.71 13.31
CA LYS C 69 7.51 -11.38 13.25
C LYS C 69 8.11 -11.49 14.66
N LEU C 70 9.29 -12.11 14.78
CA LEU C 70 10.09 -12.09 16.03
C LEU C 70 11.32 -11.21 15.76
N ASN C 71 11.51 -10.15 16.54
CA ASN C 71 12.65 -9.21 16.39
C ASN C 71 13.89 -9.96 16.88
N LEU C 72 15.00 -9.83 16.16
CA LEU C 72 16.26 -10.52 16.49
C LEU C 72 17.35 -9.48 16.67
N PRO C 73 18.28 -9.70 17.60
CA PRO C 73 19.38 -8.76 17.86
C PRO C 73 20.39 -8.82 16.71
N SER C 74 20.94 -7.67 16.35
CA SER C 74 21.93 -7.50 15.25
C SER C 74 23.24 -8.20 15.60
N ASP C 75 23.47 -8.52 16.87
CA ASP C 75 24.61 -9.36 17.32
C ASP C 75 24.52 -10.75 16.68
N MET C 76 23.31 -11.22 16.41
CA MET C 76 23.09 -12.47 15.74
C MET C 76 23.52 -12.29 14.29
N HIS C 77 24.37 -13.13 13.77
CA HIS C 77 24.83 -12.99 12.42
C HIS C 77 25.26 -14.27 11.69
N ILE C 78 25.33 -14.18 10.37
CA ILE C 78 25.74 -15.27 9.50
C ILE C 78 27.15 -14.97 9.01
N GLN C 79 28.05 -15.93 9.09
CA GLN C 79 29.36 -15.78 8.52
C GLN C 79 29.46 -16.79 7.39
N GLY C 80 30.04 -16.36 6.29
CA GLY C 80 30.24 -17.19 5.15
C GLY C 80 29.95 -16.50 3.84
N LEU C 81 29.24 -15.39 3.89
CA LEU C 81 28.90 -14.68 2.69
C LEU C 81 29.98 -13.63 2.36
N GLN C 82 29.76 -12.80 1.35
CA GLN C 82 30.81 -11.83 0.98
C GLN C 82 30.88 -10.71 2.03
N SER C 83 29.85 -10.54 2.85
CA SER C 83 29.82 -9.56 3.97
C SER C 83 29.22 -10.21 5.22
N ARG C 84 29.40 -9.59 6.36
CA ARG C 84 28.65 -9.97 7.58
C ARG C 84 27.19 -9.58 7.34
N TYR C 85 26.26 -10.54 7.46
CA TYR C 85 24.81 -10.28 7.51
C TYR C 85 24.33 -10.50 8.95
N SER C 86 23.83 -9.42 9.58
CA SER C 86 23.29 -9.43 10.95
C SER C 86 21.77 -9.62 10.86
N ALA C 87 21.22 -10.39 11.79
CA ALA C 87 19.77 -10.66 11.84
C ALA C 87 19.01 -9.38 12.20
N THR C 88 17.81 -9.24 11.62
CA THR C 88 16.81 -8.18 11.96
C THR C 88 15.52 -8.84 12.49
N GLN C 89 15.01 -9.86 11.82
CA GLN C 89 13.75 -10.52 12.28
C GLN C 89 13.57 -11.86 11.57
N LEU C 90 12.78 -12.73 12.20
CA LEU C 90 12.23 -13.92 11.50
C LEU C 90 10.70 -13.78 11.45
N HIS C 91 10.10 -14.43 10.45
CA HIS C 91 8.64 -14.43 10.23
C HIS C 91 8.26 -15.70 9.47
N LEU C 92 6.95 -15.93 9.30
CA LEU C 92 6.48 -17.15 8.63
C LEU C 92 5.51 -16.82 7.50
N HIS C 93 5.30 -17.80 6.65
CA HIS C 93 4.29 -17.84 5.56
C HIS C 93 3.55 -19.16 5.66
N TRP C 94 2.21 -19.13 5.46
CA TRP C 94 1.39 -20.35 5.62
C TRP C 94 0.11 -20.28 4.77
N GLY C 95 -0.60 -21.38 4.74
CA GLY C 95 -1.86 -21.48 3.97
C GLY C 95 -3.04 -21.29 4.88
N ASN C 96 -3.91 -22.28 4.94
CA ASN C 96 -5.18 -22.16 5.71
C ASN C 96 -5.59 -23.55 6.16
N PRO C 97 -6.57 -23.66 7.10
CA PRO C 97 -6.99 -24.97 7.61
C PRO C 97 -7.50 -25.94 6.55
N ASN C 98 -8.10 -25.42 5.47
CA ASN C 98 -8.70 -26.26 4.40
C ASN C 98 -7.66 -26.56 3.31
N ASP C 99 -6.49 -25.92 3.37
CA ASP C 99 -5.40 -26.12 2.38
C ASP C 99 -4.08 -25.73 3.05
N PRO C 100 -3.51 -26.59 3.91
CA PRO C 100 -2.28 -26.28 4.62
C PRO C 100 -1.04 -26.53 3.75
N HIS C 101 -0.90 -25.76 2.66
CA HIS C 101 0.19 -25.79 1.64
C HIS C 101 0.56 -24.36 1.26
N GLY C 102 1.21 -23.67 2.20
CA GLY C 102 1.47 -22.22 2.11
C GLY C 102 2.95 -21.89 2.08
N SER C 103 3.86 -22.82 1.71
CA SER C 103 5.28 -22.43 1.50
C SER C 103 5.31 -21.40 0.38
N GLU C 104 6.35 -20.58 0.30
CA GLU C 104 6.56 -19.62 -0.82
C GLU C 104 7.36 -20.34 -1.89
N HIS C 105 8.54 -20.83 -1.56
CA HIS C 105 9.32 -21.71 -2.43
C HIS C 105 8.57 -23.05 -2.57
N THR C 106 8.55 -23.57 -3.78
CA THR C 106 8.06 -24.93 -4.06
C THR C 106 9.25 -25.82 -4.50
N VAL C 107 9.09 -27.12 -4.38
CA VAL C 107 10.12 -28.09 -4.84
C VAL C 107 9.43 -29.06 -5.76
N SER C 108 9.90 -29.10 -7.02
CA SER C 108 9.31 -29.86 -8.15
C SER C 108 7.80 -29.66 -8.15
N GLY C 109 7.37 -28.39 -8.10
CA GLY C 109 5.97 -27.94 -8.23
C GLY C 109 5.12 -28.12 -6.96
N GLN C 110 5.70 -28.57 -5.85
CA GLN C 110 4.97 -28.95 -4.62
C GLN C 110 5.22 -27.93 -3.50
N HIS C 111 4.15 -27.37 -2.94
CA HIS C 111 4.21 -26.54 -1.70
C HIS C 111 4.46 -27.42 -0.49
N PHE C 112 5.33 -26.98 0.40
CA PHE C 112 5.36 -27.42 1.81
C PHE C 112 4.22 -26.74 2.58
N ALA C 113 4.00 -27.12 3.83
CA ALA C 113 2.88 -26.61 4.65
C ALA C 113 3.09 -25.13 4.97
N ALA C 114 4.35 -24.77 5.27
CA ALA C 114 4.70 -23.38 5.63
C ALA C 114 6.19 -23.16 5.34
N GLU C 115 6.67 -21.96 5.68
CA GLU C 115 8.06 -21.56 5.42
C GLU C 115 8.47 -20.54 6.47
N LEU C 116 9.66 -20.72 7.04
CA LEU C 116 10.32 -19.76 7.96
C LEU C 116 11.33 -18.94 7.16
N HIS C 117 11.29 -17.61 7.31
CA HIS C 117 12.33 -16.70 6.79
C HIS C 117 13.07 -16.02 7.94
N ILE C 118 14.37 -16.26 8.02
CA ILE C 118 15.25 -15.53 8.97
C ILE C 118 15.94 -14.42 8.18
N VAL C 119 15.51 -13.17 8.37
CA VAL C 119 15.99 -12.02 7.56
C VAL C 119 17.22 -11.42 8.24
N HIS C 120 18.25 -11.16 7.44
CA HIS C 120 19.53 -10.50 7.80
C HIS C 120 19.79 -9.33 6.86
N TYR C 121 20.57 -8.35 7.32
CA TYR C 121 21.00 -7.22 6.47
C TYR C 121 22.52 -7.12 6.51
N ASN C 122 23.07 -6.56 5.43
CA ASN C 122 24.52 -6.29 5.22
C ASN C 122 24.92 -5.17 6.20
N SER C 123 25.33 -5.55 7.41
CA SER C 123 25.78 -4.61 8.45
C SER C 123 27.18 -4.08 8.12
N ASP C 124 27.87 -4.65 7.11
CA ASP C 124 29.17 -4.11 6.64
C ASP C 124 28.93 -2.83 5.83
N LEU C 125 27.75 -2.64 5.21
CA LEU C 125 27.41 -1.53 4.29
C LEU C 125 26.35 -0.60 4.90
N TYR C 126 25.40 -1.13 5.68
CA TYR C 126 24.16 -0.41 6.04
C TYR C 126 23.94 -0.50 7.52
N PRO C 127 23.28 0.52 8.13
CA PRO C 127 23.05 0.54 9.58
C PRO C 127 21.89 -0.36 10.02
N ASP C 128 20.91 -0.65 9.15
CA ASP C 128 19.73 -1.49 9.49
C ASP C 128 19.12 -2.05 8.22
N ALA C 129 18.12 -2.91 8.37
CA ALA C 129 17.50 -3.69 7.25
C ALA C 129 16.66 -2.77 6.39
N SER C 130 15.96 -1.82 7.01
CA SER C 130 15.14 -0.79 6.31
C SER C 130 16.00 -0.03 5.30
N THR C 131 17.10 0.55 5.76
CA THR C 131 18.10 1.28 4.94
C THR C 131 18.71 0.32 3.91
N ALA C 132 19.03 -0.92 4.30
CA ALA C 132 19.66 -1.93 3.41
C ALA C 132 18.69 -2.37 2.29
N SER C 133 17.37 -2.30 2.52
CA SER C 133 16.33 -3.08 1.80
C SER C 133 16.33 -2.73 0.31
N ASN C 134 16.60 -1.47 -0.04
CA ASN C 134 16.48 -1.01 -1.44
C ASN C 134 17.87 -0.74 -2.01
N LYS C 135 18.91 -1.32 -1.44
CA LYS C 135 20.30 -1.05 -1.89
C LYS C 135 20.95 -2.37 -2.32
N SER C 136 21.96 -2.26 -3.19
CA SER C 136 22.77 -3.40 -3.66
C SER C 136 23.24 -4.24 -2.46
N GLU C 137 23.13 -5.56 -2.57
CA GLU C 137 23.62 -6.55 -1.59
C GLU C 137 22.97 -6.32 -0.23
N GLY C 138 21.79 -5.71 -0.16
CA GLY C 138 21.17 -5.28 1.12
C GLY C 138 20.94 -6.43 2.07
N LEU C 139 20.38 -7.55 1.61
CA LEU C 139 19.74 -8.52 2.51
C LEU C 139 20.15 -9.96 2.17
N ALA C 140 20.00 -10.84 3.14
CA ALA C 140 20.21 -12.30 3.00
C ALA C 140 19.15 -13.00 3.84
N VAL C 141 18.37 -13.90 3.25
CA VAL C 141 17.33 -14.65 3.99
C VAL C 141 17.82 -16.09 4.07
N LEU C 142 17.69 -16.71 5.25
CA LEU C 142 17.65 -18.19 5.40
C LEU C 142 16.17 -18.64 5.33
N ALA C 143 15.83 -19.50 4.38
CA ALA C 143 14.48 -20.07 4.24
C ALA C 143 14.51 -21.53 4.72
N VAL C 144 13.58 -21.90 5.60
CA VAL C 144 13.37 -23.29 6.04
C VAL C 144 11.97 -23.70 5.57
N LEU C 145 11.90 -24.78 4.80
CA LEU C 145 10.63 -25.41 4.38
C LEU C 145 10.04 -26.15 5.58
N ILE C 146 8.75 -26.01 5.83
CA ILE C 146 8.11 -26.65 7.00
C ILE C 146 7.10 -27.68 6.51
N GLU C 147 7.20 -28.92 6.99
CA GLU C 147 6.25 -29.97 6.55
C GLU C 147 5.40 -30.42 7.73
N MET C 148 4.20 -30.89 7.45
CA MET C 148 3.30 -31.40 8.50
C MET C 148 3.89 -32.71 8.99
N GLY C 149 4.14 -32.83 10.29
CA GLY C 149 4.77 -34.01 10.89
C GLY C 149 4.63 -34.03 12.40
N SER C 150 5.72 -34.30 13.10
CA SER C 150 5.68 -34.38 14.58
CA SER C 150 5.72 -34.39 14.59
C SER C 150 5.64 -32.98 15.19
N PHE C 151 5.12 -32.89 16.41
CA PHE C 151 5.20 -31.68 17.26
C PHE C 151 6.64 -31.19 17.40
N ASN C 152 6.85 -29.89 17.26
CA ASN C 152 8.19 -29.27 17.25
C ASN C 152 8.22 -28.31 18.44
N PRO C 153 8.90 -28.68 19.55
CA PRO C 153 8.91 -27.89 20.77
C PRO C 153 9.60 -26.53 20.51
N SER C 154 10.60 -26.49 19.60
CA SER C 154 11.35 -25.25 19.28
C SER C 154 10.43 -24.24 18.61
N TYR C 155 9.73 -24.67 17.57
CA TYR C 155 8.74 -23.82 16.84
C TYR C 155 7.65 -23.40 17.83
N ASP C 156 7.36 -24.24 18.83
CA ASP C 156 6.27 -23.91 19.80
C ASP C 156 6.70 -22.76 20.75
N LYS C 157 7.98 -22.39 20.79
CA LYS C 157 8.44 -21.25 21.63
C LYS C 157 8.01 -19.96 20.94
N ILE C 158 7.64 -20.03 19.66
CA ILE C 158 6.94 -18.92 18.97
C ILE C 158 5.43 -19.18 19.05
N PHE C 159 4.94 -20.36 18.62
CA PHE C 159 3.49 -20.58 18.39
C PHE C 159 2.69 -20.43 19.68
N SER C 160 3.30 -20.75 20.83
CA SER C 160 2.62 -20.66 22.15
C SER C 160 2.27 -19.19 22.52
N HIS C 161 2.81 -18.20 21.81
CA HIS C 161 2.57 -16.75 22.08
C HIS C 161 1.62 -16.11 21.07
N LEU C 162 1.08 -16.87 20.12
CA LEU C 162 0.29 -16.29 19.01
C LEU C 162 -0.93 -15.56 19.59
N GLN C 163 -1.49 -16.04 20.70
CA GLN C 163 -2.76 -15.52 21.25
C GLN C 163 -2.55 -14.14 21.88
N HIS C 164 -1.32 -13.66 21.96
CA HIS C 164 -0.99 -12.29 22.45
C HIS C 164 -0.73 -11.35 21.28
N VAL C 165 -0.78 -11.83 20.04
CA VAL C 165 -0.53 -10.94 18.88
C VAL C 165 -1.58 -11.22 17.81
N LYS C 166 -2.83 -11.50 18.23
CA LYS C 166 -3.95 -11.81 17.33
C LYS C 166 -4.13 -10.73 16.28
N TYR C 167 -3.99 -9.46 16.64
CA TYR C 167 -4.38 -8.33 15.74
C TYR C 167 -3.19 -7.49 15.34
N LYS C 168 -3.32 -6.88 14.16
CA LYS C 168 -2.27 -6.00 13.59
C LYS C 168 -1.89 -4.97 14.64
N GLY C 169 -0.58 -4.78 14.84
CA GLY C 169 -0.03 -3.76 15.75
C GLY C 169 0.21 -4.29 17.14
N GLN C 170 -0.32 -5.46 17.51
CA GLN C 170 -0.06 -6.10 18.83
C GLN C 170 1.32 -6.74 18.89
N GLU C 171 1.94 -6.64 20.06
CA GLU C 171 3.36 -6.99 20.34
C GLU C 171 3.40 -7.70 21.70
N ALA C 172 4.31 -8.64 21.88
CA ALA C 172 4.41 -9.43 23.13
C ALA C 172 5.82 -10.00 23.25
N PHE C 173 6.33 -10.08 24.47
CA PHE C 173 7.72 -10.54 24.70
C PHE C 173 7.73 -12.06 24.80
N VAL C 174 8.69 -12.62 24.09
CA VAL C 174 8.97 -14.08 23.99
C VAL C 174 10.33 -14.31 24.61
N PRO C 175 10.46 -15.28 25.54
CA PRO C 175 11.78 -15.65 26.08
C PRO C 175 12.70 -16.02 24.91
N GLY C 176 13.98 -15.69 25.02
CA GLY C 176 15.01 -16.20 24.10
C GLY C 176 15.01 -17.72 24.03
N PHE C 177 15.55 -18.24 22.94
CA PHE C 177 15.79 -19.69 22.72
C PHE C 177 16.83 -19.82 21.59
N ASN C 178 17.42 -20.98 21.42
CA ASN C 178 18.43 -21.19 20.35
C ASN C 178 17.69 -21.21 19.01
N ILE C 179 17.80 -20.11 18.25
CA ILE C 179 17.19 -19.99 16.89
C ILE C 179 17.71 -21.08 15.94
N GLU C 180 18.89 -21.68 16.20
CA GLU C 180 19.45 -22.81 15.38
C GLU C 180 18.54 -24.05 15.50
N GLU C 181 17.85 -24.26 16.62
CA GLU C 181 16.83 -25.33 16.73
C GLU C 181 15.76 -25.18 15.64
N LEU C 182 15.56 -24.02 15.00
CA LEU C 182 14.52 -23.86 13.93
C LEU C 182 15.02 -24.42 12.58
N LEU C 183 16.33 -24.62 12.44
CA LEU C 183 17.01 -24.96 11.17
C LEU C 183 16.96 -26.47 11.02
N PRO C 184 16.92 -27.00 9.78
CA PRO C 184 16.81 -28.44 9.56
C PRO C 184 18.15 -29.14 9.79
N GLU C 185 18.14 -30.44 9.56
CA GLU C 185 19.39 -31.25 9.44
C GLU C 185 20.24 -30.80 8.24
N ARG C 186 21.56 -30.92 8.37
CA ARG C 186 22.50 -30.89 7.21
C ARG C 186 22.33 -29.51 6.55
N THR C 187 22.41 -28.46 7.36
CA THR C 187 22.39 -27.05 6.91
C THR C 187 23.48 -26.81 5.85
N ALA C 188 24.49 -27.69 5.76
CA ALA C 188 25.54 -27.61 4.71
C ALA C 188 24.90 -27.78 3.32
N GLU C 189 23.71 -28.39 3.24
CA GLU C 189 23.02 -28.68 1.97
C GLU C 189 21.93 -27.63 1.75
N TYR C 190 22.15 -26.74 0.78
CA TYR C 190 21.21 -25.64 0.49
C TYR C 190 21.22 -25.25 -0.98
N TYR C 191 20.13 -24.58 -1.34
CA TYR C 191 20.02 -23.85 -2.62
C TYR C 191 20.36 -22.38 -2.33
N ARG C 192 20.93 -21.71 -3.32
CA ARG C 192 21.37 -20.31 -3.28
C ARG C 192 20.99 -19.64 -4.59
N TYR C 193 20.26 -18.54 -4.53
CA TYR C 193 19.98 -17.74 -5.76
C TYR C 193 19.82 -16.27 -5.40
N ARG C 194 19.85 -15.46 -6.44
CA ARG C 194 19.69 -13.98 -6.39
C ARG C 194 18.21 -13.72 -6.56
N GLY C 195 17.58 -13.05 -5.61
CA GLY C 195 16.14 -12.79 -5.68
C GLY C 195 15.76 -11.53 -4.98
N SER C 196 14.54 -11.51 -4.44
CA SER C 196 13.86 -10.28 -3.96
C SER C 196 13.20 -10.53 -2.60
N LEU C 197 12.74 -9.45 -1.99
CA LEU C 197 11.64 -9.58 -1.01
C LEU C 197 10.49 -10.30 -1.71
N THR C 198 9.86 -11.29 -1.06
CA THR C 198 8.59 -11.93 -1.54
C THR C 198 7.35 -11.06 -1.20
N THR C 199 7.54 -9.96 -0.46
CA THR C 199 6.53 -8.95 -0.06
C THR C 199 6.89 -7.61 -0.69
N PRO C 200 5.93 -6.68 -0.87
CA PRO C 200 6.26 -5.30 -1.18
C PRO C 200 7.29 -4.82 -0.16
N PRO C 201 8.27 -3.99 -0.59
CA PRO C 201 8.34 -3.46 -1.95
C PRO C 201 9.10 -4.29 -3.00
N CYS C 202 9.33 -5.57 -2.71
CA CYS C 202 9.81 -6.60 -3.66
C CYS C 202 11.19 -6.24 -4.17
N ASN C 203 12.00 -5.53 -3.40
CA ASN C 203 13.30 -5.06 -3.97
C ASN C 203 14.15 -6.27 -4.35
N PRO C 204 14.88 -6.24 -5.49
CA PRO C 204 15.70 -7.37 -5.95
C PRO C 204 17.10 -7.36 -5.32
N THR C 205 17.11 -7.33 -3.99
CA THR C 205 18.30 -7.05 -3.14
C THR C 205 18.59 -8.26 -2.22
N VAL C 206 18.02 -9.43 -2.52
CA VAL C 206 17.99 -10.53 -1.50
C VAL C 206 18.83 -11.69 -1.97
N LEU C 207 19.79 -12.08 -1.15
CA LEU C 207 20.55 -13.33 -1.38
C LEU C 207 19.82 -14.42 -0.61
N TRP C 208 19.23 -15.37 -1.34
CA TRP C 208 18.37 -16.46 -0.82
C TRP C 208 19.22 -17.66 -0.53
N THR C 209 19.13 -18.18 0.69
CA THR C 209 19.59 -19.54 1.04
C THR C 209 18.36 -20.36 1.47
N VAL C 210 17.97 -21.37 0.70
CA VAL C 210 16.84 -22.27 1.07
C VAL C 210 17.49 -23.60 1.42
N PHE C 211 17.37 -24.04 2.66
CA PHE C 211 17.94 -25.32 3.12
C PHE C 211 17.27 -26.48 2.35
N ARG C 212 18.07 -27.48 2.01
CA ARG C 212 17.61 -28.66 1.22
C ARG C 212 16.51 -29.40 1.98
N ASN C 213 16.67 -29.51 3.29
CA ASN C 213 15.82 -30.39 4.12
C ASN C 213 14.74 -29.55 4.78
N PRO C 214 13.50 -30.09 4.88
CA PRO C 214 12.44 -29.43 5.62
C PRO C 214 12.61 -29.78 7.11
N VAL C 215 11.90 -29.05 7.94
CA VAL C 215 11.64 -29.42 9.36
C VAL C 215 10.17 -29.82 9.42
N GLN C 216 9.77 -30.29 10.58
CA GLN C 216 8.39 -30.81 10.81
C GLN C 216 7.75 -29.97 11.92
N ILE C 217 6.47 -29.67 11.79
CA ILE C 217 5.59 -29.24 12.91
C ILE C 217 4.26 -29.97 12.77
N SER C 218 3.52 -30.10 13.86
CA SER C 218 2.29 -30.91 13.96
C SER C 218 1.11 -30.23 13.24
N GLN C 219 0.08 -31.04 12.92
CA GLN C 219 -1.28 -30.62 12.47
C GLN C 219 -1.78 -29.54 13.43
N GLU C 220 -1.64 -29.76 14.72
CA GLU C 220 -2.15 -28.84 15.77
C GLU C 220 -1.40 -27.50 15.71
N GLN C 221 -0.08 -27.55 15.51
CA GLN C 221 0.74 -26.31 15.47
C GLN C 221 0.39 -25.49 14.22
N LEU C 222 0.22 -26.15 13.08
CA LEU C 222 -0.17 -25.46 11.84
C LEU C 222 -1.57 -24.85 12.02
N LEU C 223 -2.52 -25.62 12.57
CA LEU C 223 -3.91 -25.11 12.69
C LEU C 223 -3.90 -23.84 13.55
N ALA C 224 -3.15 -23.85 14.65
CA ALA C 224 -3.00 -22.71 15.56
C ALA C 224 -2.41 -21.55 14.76
N LEU C 225 -1.34 -21.79 13.99
CA LEU C 225 -0.73 -20.72 13.14
C LEU C 225 -1.77 -20.12 12.19
N GLU C 226 -2.61 -20.99 11.60
CA GLU C 226 -3.54 -20.65 10.50
C GLU C 226 -4.84 -20.03 11.02
N THR C 227 -5.10 -20.05 12.33
CA THR C 227 -6.37 -19.55 12.91
C THR C 227 -6.10 -18.47 13.96
N ALA C 228 -4.85 -18.21 14.35
CA ALA C 228 -4.58 -17.35 15.52
C ALA C 228 -4.69 -15.86 15.14
N LEU C 229 -4.35 -15.50 13.89
CA LEU C 229 -3.96 -14.11 13.50
C LEU C 229 -4.92 -13.49 12.48
N TYR C 230 -5.02 -12.17 12.57
CA TYR C 230 -5.80 -11.29 11.67
C TYR C 230 -4.81 -10.29 11.04
N CYS C 231 -5.00 -9.98 9.76
CA CYS C 231 -4.25 -8.90 9.07
C CYS C 231 -4.65 -7.53 9.64
N THR C 232 -5.78 -7.47 10.36
CA THR C 232 -6.50 -6.22 10.70
C THR C 232 -6.31 -5.86 12.17
N HIS C 233 -6.50 -4.57 12.49
CA HIS C 233 -6.53 -4.04 13.86
C HIS C 233 -7.72 -4.65 14.60
N MET C 234 -7.56 -4.79 15.91
CA MET C 234 -8.56 -5.35 16.84
C MET C 234 -9.94 -4.70 16.65
N ASP C 235 -9.96 -3.43 16.25
CA ASP C 235 -11.19 -2.60 16.17
C ASP C 235 -11.62 -2.40 14.70
N ASP C 236 -11.08 -3.17 13.76
CA ASP C 236 -11.43 -2.98 12.33
C ASP C 236 -12.80 -3.63 12.10
N PRO C 237 -13.81 -2.88 11.61
CA PRO C 237 -15.11 -3.48 11.33
C PRO C 237 -15.12 -4.45 10.12
N SER C 238 -14.05 -4.49 9.31
CA SER C 238 -13.89 -5.45 8.19
C SER C 238 -12.67 -6.32 8.47
N PRO C 239 -12.72 -7.18 9.52
CA PRO C 239 -11.57 -8.01 9.92
C PRO C 239 -11.21 -9.04 8.83
N ARG C 240 -9.92 -9.33 8.63
CA ARG C 240 -9.42 -10.28 7.60
C ARG C 240 -8.49 -11.26 8.34
N GLU C 241 -8.75 -12.56 8.21
CA GLU C 241 -7.90 -13.65 8.75
C GLU C 241 -6.55 -13.61 8.05
N MET C 242 -5.47 -13.69 8.82
CA MET C 242 -4.10 -13.81 8.22
C MET C 242 -3.89 -15.28 7.79
N ILE C 243 -4.22 -15.57 6.52
CA ILE C 243 -4.14 -16.91 5.89
C ILE C 243 -3.56 -16.72 4.48
N ASN C 244 -2.98 -17.76 3.90
CA ASN C 244 -2.54 -17.78 2.48
C ASN C 244 -1.62 -16.59 2.23
N ASN C 245 -0.72 -16.34 3.18
CA ASN C 245 0.16 -15.17 3.12
C ASN C 245 1.45 -15.60 2.38
N PHE C 246 1.28 -16.16 1.18
CA PHE C 246 2.42 -16.55 0.32
C PHE C 246 2.21 -15.98 -1.08
N ARG C 247 3.32 -15.56 -1.67
CA ARG C 247 3.36 -15.10 -3.05
C ARG C 247 3.47 -16.33 -3.98
N GLN C 248 2.89 -16.25 -5.17
CA GLN C 248 3.03 -17.33 -6.19
C GLN C 248 4.50 -17.30 -6.59
N VAL C 249 5.01 -18.42 -7.09
CA VAL C 249 6.37 -18.46 -7.69
C VAL C 249 6.39 -17.60 -8.97
N GLN C 250 7.60 -17.20 -9.32
CA GLN C 250 7.92 -16.13 -10.31
C GLN C 250 8.77 -16.73 -11.44
N LYS C 251 8.78 -16.02 -12.56
CA LYS C 251 9.67 -16.31 -13.70
C LYS C 251 11.13 -16.26 -13.21
N PHE C 252 11.91 -17.17 -13.74
CA PHE C 252 13.37 -17.27 -13.50
C PHE C 252 14.15 -16.08 -14.06
N ASP C 253 13.71 -15.45 -15.14
CA ASP C 253 14.49 -14.33 -15.76
C ASP C 253 15.95 -14.75 -15.94
N GLU C 254 16.20 -15.93 -16.52
CA GLU C 254 17.56 -16.43 -16.90
C GLU C 254 18.41 -16.86 -15.70
N ARG C 255 17.88 -16.79 -14.48
CA ARG C 255 18.60 -17.20 -13.25
C ARG C 255 18.90 -18.69 -13.28
N LEU C 256 19.98 -19.12 -12.62
CA LEU C 256 20.10 -20.53 -12.19
C LEU C 256 19.99 -20.51 -10.66
N VAL C 257 19.67 -21.67 -10.08
CA VAL C 257 19.73 -21.90 -8.61
C VAL C 257 20.96 -22.77 -8.38
N TYR C 258 21.92 -22.25 -7.65
CA TYR C 258 23.16 -22.98 -7.31
C TYR C 258 22.93 -23.82 -6.05
N THR C 259 23.48 -25.03 -6.04
CA THR C 259 23.36 -26.02 -4.95
C THR C 259 24.74 -26.34 -4.36
N SER C 260 24.78 -26.53 -3.04
CA SER C 260 25.95 -27.02 -2.30
C SER C 260 26.04 -28.55 -2.41
N PHE C 261 25.19 -29.17 -3.23
CA PHE C 261 25.07 -30.64 -3.39
C PHE C 261 24.78 -31.02 -4.85
N SER C 262 24.98 -32.30 -5.16
CA SER C 262 24.95 -32.92 -6.52
C SER C 262 23.65 -33.74 -6.74
N LYS D 3 1.29 -2.32 -24.77
CA LYS D 3 2.57 -3.11 -24.83
C LYS D 3 2.59 -4.08 -23.64
N TRP D 4 2.99 -5.32 -23.89
CA TRP D 4 3.12 -6.34 -22.83
C TRP D 4 3.96 -7.52 -23.33
N THR D 5 4.63 -8.17 -22.38
CA THR D 5 5.62 -9.24 -22.62
C THR D 5 5.47 -10.24 -21.49
N TYR D 6 6.34 -11.24 -21.47
CA TYR D 6 6.46 -12.28 -20.42
C TYR D 6 7.79 -12.16 -19.66
N PHE D 7 8.50 -11.04 -19.83
CA PHE D 7 9.84 -10.79 -19.25
C PHE D 7 9.86 -9.35 -18.71
N GLY D 8 10.41 -9.18 -17.51
CA GLY D 8 11.00 -7.88 -17.08
C GLY D 8 9.94 -6.84 -16.83
N PRO D 9 10.20 -5.55 -17.16
CA PRO D 9 9.35 -4.45 -16.71
C PRO D 9 7.88 -4.52 -17.17
N ASP D 10 7.60 -4.98 -18.40
CA ASP D 10 6.23 -5.03 -18.99
C ASP D 10 5.65 -6.45 -18.81
N GLY D 11 6.26 -7.22 -17.90
CA GLY D 11 5.94 -8.63 -17.60
C GLY D 11 4.65 -8.81 -16.82
N GLU D 12 4.29 -10.06 -16.57
CA GLU D 12 2.90 -10.44 -16.14
C GLU D 12 2.50 -9.80 -14.80
N ASN D 13 3.44 -9.50 -13.89
CA ASN D 13 3.13 -8.78 -12.62
C ASN D 13 2.76 -7.31 -12.87
N SER D 14 3.11 -6.75 -14.02
CA SER D 14 2.77 -5.35 -14.40
C SER D 14 1.53 -5.28 -15.32
N TRP D 15 0.97 -6.40 -15.77
CA TRP D 15 -0.14 -6.42 -16.77
C TRP D 15 -1.34 -5.62 -16.21
N SER D 16 -1.58 -5.71 -14.90
CA SER D 16 -2.71 -5.08 -14.18
C SER D 16 -2.70 -3.55 -14.30
N LYS D 17 -1.55 -2.94 -14.59
CA LYS D 17 -1.43 -1.47 -14.71
C LYS D 17 -2.26 -0.98 -15.89
N LYS D 18 -2.07 -1.59 -17.07
CA LYS D 18 -2.76 -1.22 -18.33
C LYS D 18 -4.02 -2.07 -18.51
N TYR D 19 -4.10 -3.21 -17.82
CA TYR D 19 -5.13 -4.24 -18.06
C TYR D 19 -5.68 -4.64 -16.70
N PRO D 20 -6.64 -3.86 -16.16
CA PRO D 20 -7.04 -3.99 -14.75
C PRO D 20 -7.58 -5.40 -14.41
N SER D 21 -8.14 -6.10 -15.40
CA SER D 21 -8.72 -7.46 -15.23
C SER D 21 -7.66 -8.47 -14.86
N CYS D 22 -6.39 -8.18 -15.17
CA CYS D 22 -5.26 -9.12 -14.94
C CYS D 22 -5.06 -9.24 -13.41
N GLY D 23 -5.57 -8.27 -12.65
CA GLY D 23 -5.59 -8.24 -11.17
C GLY D 23 -6.96 -8.58 -10.61
N GLY D 24 -7.88 -9.05 -11.44
CA GLY D 24 -9.28 -9.21 -11.03
C GLY D 24 -9.58 -10.65 -10.64
N LEU D 25 -10.86 -11.00 -10.72
CA LEU D 25 -11.42 -12.32 -10.37
C LEU D 25 -11.19 -13.34 -11.49
N LEU D 26 -11.21 -14.65 -11.14
CA LEU D 26 -11.30 -15.82 -12.05
C LEU D 26 -10.11 -15.86 -13.03
N GLN D 27 -8.91 -15.49 -12.60
CA GLN D 27 -7.71 -15.51 -13.48
C GLN D 27 -7.22 -16.94 -13.74
N SER D 28 -6.76 -17.18 -14.96
CA SER D 28 -6.16 -18.45 -15.45
C SER D 28 -4.69 -18.18 -15.76
N PRO D 29 -3.78 -19.19 -15.85
CA PRO D 29 -4.10 -20.59 -15.65
C PRO D 29 -4.02 -20.94 -14.16
N ILE D 30 -4.29 -22.21 -13.85
CA ILE D 30 -4.32 -22.73 -12.47
C ILE D 30 -3.66 -24.09 -12.43
N ASP D 31 -3.37 -24.51 -11.20
CA ASP D 31 -2.91 -25.86 -10.91
C ASP D 31 -4.16 -26.73 -10.77
N LEU D 32 -4.24 -27.76 -11.58
CA LEU D 32 -5.24 -28.84 -11.49
C LEU D 32 -4.70 -29.90 -10.53
N HIS D 33 -5.17 -29.92 -9.29
CA HIS D 33 -4.72 -30.91 -8.27
C HIS D 33 -5.95 -31.44 -7.55
N SER D 34 -5.81 -32.65 -7.01
CA SER D 34 -6.95 -33.56 -6.71
C SER D 34 -7.89 -32.89 -5.71
N ASP D 35 -7.35 -32.14 -4.73
CA ASP D 35 -8.16 -31.56 -3.64
C ASP D 35 -9.13 -30.50 -4.14
N ILE D 36 -9.00 -29.99 -5.38
CA ILE D 36 -10.02 -29.04 -5.93
C ILE D 36 -10.74 -29.66 -7.14
N LEU D 37 -10.65 -30.97 -7.38
CA LEU D 37 -11.41 -31.67 -8.47
C LEU D 37 -12.66 -32.31 -7.89
N GLN D 38 -13.79 -32.07 -8.54
CA GLN D 38 -15.10 -32.68 -8.22
C GLN D 38 -15.60 -33.29 -9.52
N TYR D 39 -15.72 -34.62 -9.54
CA TYR D 39 -16.37 -35.33 -10.66
C TYR D 39 -17.77 -34.77 -10.78
N ASP D 40 -18.16 -34.44 -12.03
CA ASP D 40 -19.54 -33.99 -12.35
C ASP D 40 -20.07 -34.81 -13.52
N ALA D 41 -20.97 -35.76 -13.26
CA ALA D 41 -21.44 -36.77 -14.22
C ALA D 41 -22.28 -36.10 -15.30
N SER D 42 -22.73 -34.84 -15.09
CA SER D 42 -23.45 -34.03 -16.10
C SER D 42 -22.51 -33.56 -17.22
N LEU D 43 -21.20 -33.76 -17.10
CA LEU D 43 -20.25 -33.28 -18.15
C LEU D 43 -20.11 -34.33 -19.28
N THR D 44 -20.83 -34.13 -20.38
CA THR D 44 -20.86 -35.07 -21.52
C THR D 44 -19.82 -34.68 -22.58
N PRO D 45 -19.53 -35.59 -23.53
CA PRO D 45 -18.56 -35.31 -24.59
C PRO D 45 -18.93 -34.08 -25.42
N LEU D 46 -17.94 -33.27 -25.78
CA LEU D 46 -18.11 -32.20 -26.79
C LEU D 46 -18.01 -32.85 -28.15
N GLU D 47 -18.55 -32.20 -29.16
CA GLU D 47 -18.47 -32.61 -30.58
C GLU D 47 -17.75 -31.51 -31.34
N PHE D 48 -16.75 -31.87 -32.14
CA PHE D 48 -15.94 -30.89 -32.89
C PHE D 48 -16.41 -30.92 -34.35
N GLN D 49 -17.19 -29.93 -34.78
CA GLN D 49 -17.86 -29.85 -36.11
C GLN D 49 -17.05 -28.93 -37.01
N GLY D 50 -16.79 -29.35 -38.26
CA GLY D 50 -16.05 -28.57 -39.26
C GLY D 50 -14.57 -28.46 -38.92
N TYR D 51 -14.03 -29.35 -38.10
CA TYR D 51 -12.58 -29.37 -37.77
C TYR D 51 -11.76 -29.88 -38.98
N ASN D 52 -12.40 -30.61 -39.89
CA ASN D 52 -11.68 -31.32 -40.98
C ASN D 52 -11.47 -30.34 -42.14
N LEU D 53 -10.56 -29.39 -41.94
CA LEU D 53 -10.27 -28.35 -42.94
C LEU D 53 -9.75 -29.07 -44.19
N SER D 54 -10.30 -28.78 -45.36
CA SER D 54 -9.78 -29.35 -46.63
C SER D 54 -8.35 -28.84 -46.82
N ALA D 55 -7.45 -29.72 -47.25
CA ALA D 55 -6.05 -29.38 -47.63
C ALA D 55 -6.06 -28.62 -48.95
N ASN D 56 -7.25 -28.41 -49.53
CA ASN D 56 -7.50 -27.57 -50.73
C ASN D 56 -7.42 -26.11 -50.33
N LYS D 57 -7.97 -25.80 -49.15
CA LYS D 57 -8.03 -24.42 -48.58
C LYS D 57 -6.77 -24.20 -47.73
N GLN D 58 -6.32 -22.94 -47.61
CA GLN D 58 -5.09 -22.51 -46.88
C GLN D 58 -5.43 -21.49 -45.79
N PHE D 59 -4.74 -21.59 -44.64
CA PHE D 59 -5.04 -20.78 -43.43
C PHE D 59 -3.79 -20.05 -42.96
N LEU D 60 -4.01 -18.82 -42.48
CA LEU D 60 -2.97 -17.85 -42.11
C LEU D 60 -2.37 -18.21 -40.75
N LEU D 61 -1.09 -18.62 -40.80
CA LEU D 61 -0.17 -18.76 -39.66
C LEU D 61 0.53 -17.41 -39.45
N THR D 62 0.46 -16.83 -38.25
CA THR D 62 1.07 -15.51 -37.89
C THR D 62 1.97 -15.67 -36.65
N ASN D 63 3.08 -14.91 -36.63
CA ASN D 63 3.92 -14.64 -35.44
C ASN D 63 3.50 -13.24 -34.98
N ASN D 64 2.80 -13.10 -33.85
CA ASN D 64 2.25 -11.79 -33.42
C ASN D 64 3.16 -11.21 -32.34
N GLY D 65 4.29 -11.86 -32.11
CA GLY D 65 5.26 -11.44 -31.08
C GLY D 65 4.91 -11.93 -29.69
N HIS D 66 3.76 -12.60 -29.51
CA HIS D 66 3.40 -13.20 -28.19
C HIS D 66 3.39 -14.73 -28.30
N SER D 67 3.15 -15.22 -29.51
CA SER D 67 2.92 -16.65 -29.85
C SER D 67 2.87 -16.81 -31.38
N VAL D 68 2.83 -18.05 -31.84
CA VAL D 68 2.52 -18.38 -33.27
C VAL D 68 1.04 -18.78 -33.29
N LYS D 69 0.28 -18.19 -34.19
CA LYS D 69 -1.18 -18.33 -34.23
C LYS D 69 -1.59 -18.79 -35.63
N LEU D 70 -2.49 -19.77 -35.70
CA LEU D 70 -3.16 -20.19 -36.95
C LEU D 70 -4.62 -19.73 -36.90
N ASN D 71 -5.00 -18.86 -37.84
CA ASN D 71 -6.40 -18.34 -37.97
C ASN D 71 -7.30 -19.47 -38.42
N LEU D 72 -8.47 -19.59 -37.79
CA LEU D 72 -9.37 -20.72 -38.06
C LEU D 72 -10.68 -20.16 -38.60
N PRO D 73 -11.41 -20.95 -39.42
CA PRO D 73 -12.70 -20.52 -39.95
C PRO D 73 -13.83 -20.67 -38.93
N SER D 74 -14.71 -19.66 -38.87
CA SER D 74 -15.89 -19.60 -37.96
C SER D 74 -16.87 -20.76 -38.16
N ASP D 75 -16.84 -21.41 -39.33
CA ASP D 75 -17.62 -22.65 -39.60
C ASP D 75 -17.21 -23.74 -38.62
N MET D 76 -15.99 -23.69 -38.13
CA MET D 76 -15.48 -24.66 -37.17
C MET D 76 -16.13 -24.33 -35.85
N HIS D 77 -16.66 -25.30 -35.16
CA HIS D 77 -17.26 -25.06 -33.85
C HIS D 77 -17.45 -26.22 -32.92
N ILE D 78 -17.71 -25.87 -31.69
CA ILE D 78 -18.02 -26.80 -30.64
C ILE D 78 -19.52 -26.94 -30.47
N GLN D 79 -19.97 -28.18 -30.39
CA GLN D 79 -21.36 -28.47 -30.04
C GLN D 79 -21.36 -29.26 -28.73
N GLY D 80 -22.34 -29.01 -27.92
CA GLY D 80 -22.47 -29.64 -26.64
C GLY D 80 -22.50 -28.65 -25.48
N LEU D 81 -22.22 -27.37 -25.74
CA LEU D 81 -22.28 -26.33 -24.71
C LEU D 81 -23.61 -25.56 -24.81
N GLN D 82 -23.90 -24.68 -23.86
CA GLN D 82 -25.14 -23.85 -23.81
C GLN D 82 -25.41 -23.09 -25.10
N SER D 83 -24.36 -22.51 -25.64
CA SER D 83 -24.36 -21.81 -26.95
C SER D 83 -23.41 -22.52 -27.93
N ARG D 84 -23.55 -22.21 -29.21
CA ARG D 84 -22.50 -22.59 -30.19
C ARG D 84 -21.26 -21.73 -29.97
N TYR D 85 -20.09 -22.33 -29.90
CA TYR D 85 -18.82 -21.58 -29.89
C TYR D 85 -18.03 -21.87 -31.17
N SER D 86 -17.78 -20.82 -31.94
CA SER D 86 -17.15 -20.88 -33.28
C SER D 86 -15.67 -20.56 -33.16
N ALA D 87 -14.85 -21.24 -33.96
CA ALA D 87 -13.37 -21.14 -33.90
C ALA D 87 -12.93 -19.76 -34.37
N THR D 88 -11.93 -19.18 -33.70
CA THR D 88 -11.25 -17.95 -34.18
C THR D 88 -9.79 -18.29 -34.52
N GLN D 89 -9.08 -18.99 -33.64
CA GLN D 89 -7.64 -19.29 -33.84
C GLN D 89 -7.16 -20.34 -32.85
N LEU D 90 -6.01 -20.95 -33.16
CA LEU D 90 -5.22 -21.74 -32.19
C LEU D 90 -3.82 -21.12 -32.08
N HIS D 91 -3.19 -21.29 -30.93
CA HIS D 91 -1.82 -20.77 -30.64
C HIS D 91 -1.21 -21.68 -29.57
N LEU D 92 0.10 -21.51 -29.30
CA LEU D 92 0.82 -22.37 -28.33
C LEU D 92 1.53 -21.52 -27.27
N HIS D 93 1.87 -22.19 -26.18
CA HIS D 93 2.61 -21.67 -25.00
C HIS D 93 3.72 -22.68 -24.74
N TRP D 94 4.94 -22.21 -24.58
CA TRP D 94 6.08 -23.14 -24.38
C TRP D 94 7.18 -22.52 -23.50
N GLY D 95 8.11 -23.38 -23.10
CA GLY D 95 9.24 -22.98 -22.26
C GLY D 95 10.46 -22.59 -23.09
N ASN D 96 11.55 -23.34 -22.89
CA ASN D 96 12.91 -23.03 -23.42
C ASN D 96 13.74 -24.31 -23.36
N PRO D 97 14.75 -24.48 -24.24
CA PRO D 97 15.52 -25.73 -24.27
C PRO D 97 16.10 -26.16 -22.92
N ASN D 98 16.59 -25.21 -22.12
CA ASN D 98 17.20 -25.53 -20.80
C ASN D 98 16.13 -26.12 -19.87
N ASP D 99 14.92 -25.58 -19.96
CA ASP D 99 13.81 -25.93 -19.03
C ASP D 99 12.56 -26.11 -19.88
N PRO D 100 12.41 -27.27 -20.57
CA PRO D 100 11.34 -27.45 -21.56
C PRO D 100 10.00 -27.85 -20.93
N HIS D 101 9.42 -26.93 -20.14
CA HIS D 101 8.20 -27.14 -19.33
C HIS D 101 7.44 -25.81 -19.29
N GLY D 102 6.70 -25.48 -20.34
CA GLY D 102 6.05 -24.17 -20.53
C GLY D 102 4.56 -24.30 -20.82
N SER D 103 3.90 -25.34 -20.32
CA SER D 103 2.42 -25.39 -20.29
C SER D 103 1.96 -24.24 -19.37
N GLU D 104 0.73 -23.76 -19.55
CA GLU D 104 0.11 -22.73 -18.70
C GLU D 104 -0.56 -23.43 -17.49
N HIS D 105 -1.48 -24.37 -17.72
CA HIS D 105 -2.05 -25.23 -16.65
C HIS D 105 -0.98 -26.23 -16.22
N THR D 106 -1.01 -26.55 -14.93
CA THR D 106 -0.19 -27.62 -14.31
C THR D 106 -1.14 -28.67 -13.75
N VAL D 107 -0.65 -29.89 -13.62
CA VAL D 107 -1.36 -31.06 -13.02
C VAL D 107 -0.51 -31.53 -11.83
N SER D 108 -1.05 -31.40 -10.62
CA SER D 108 -0.36 -31.68 -9.33
C SER D 108 0.99 -30.95 -9.29
N GLY D 109 1.00 -29.67 -9.70
CA GLY D 109 2.20 -28.83 -9.64
C GLY D 109 3.14 -29.06 -10.81
N GLN D 110 2.87 -30.04 -11.69
CA GLN D 110 3.77 -30.40 -12.82
C GLN D 110 3.40 -29.61 -14.09
N HIS D 111 4.36 -28.86 -14.64
CA HIS D 111 4.28 -28.28 -16.02
C HIS D 111 4.47 -29.38 -17.05
N PHE D 112 3.60 -29.41 -18.06
CA PHE D 112 3.82 -30.11 -19.35
C PHE D 112 4.80 -29.29 -20.22
N ALA D 113 5.37 -29.93 -21.25
CA ALA D 113 6.35 -29.29 -22.17
C ALA D 113 5.72 -28.05 -22.82
N ALA D 114 4.44 -28.16 -23.22
CA ALA D 114 3.73 -27.05 -23.89
C ALA D 114 2.22 -27.23 -23.80
N GLU D 115 1.50 -26.19 -24.24
CA GLU D 115 0.02 -26.15 -24.27
C GLU D 115 -0.46 -25.52 -25.59
N LEU D 116 -1.39 -26.21 -26.25
CA LEU D 116 -2.13 -25.69 -27.42
C LEU D 116 -3.46 -25.17 -26.91
N HIS D 117 -3.87 -24.00 -27.35
CA HIS D 117 -5.23 -23.47 -27.08
C HIS D 117 -5.94 -23.29 -28.41
N ILE D 118 -7.13 -23.86 -28.53
CA ILE D 118 -8.05 -23.60 -29.67
C ILE D 118 -9.13 -22.68 -29.11
N VAL D 119 -9.06 -21.42 -29.52
CA VAL D 119 -9.91 -20.30 -29.03
C VAL D 119 -11.22 -20.28 -29.83
N HIS D 120 -12.34 -20.20 -29.11
CA HIS D 120 -13.69 -20.12 -29.71
C HIS D 120 -14.46 -18.98 -29.07
N TYR D 121 -15.45 -18.45 -29.76
CA TYR D 121 -16.24 -17.31 -29.26
C TYR D 121 -17.70 -17.71 -29.34
N ASN D 122 -18.52 -17.07 -28.50
CA ASN D 122 -20.00 -17.25 -28.46
C ASN D 122 -20.58 -16.55 -29.68
N SER D 123 -20.71 -17.28 -30.79
CA SER D 123 -21.26 -16.81 -32.09
C SER D 123 -22.80 -16.66 -32.01
N ASP D 124 -23.45 -17.25 -31.03
CA ASP D 124 -24.90 -16.99 -30.84
C ASP D 124 -25.09 -15.57 -30.31
N LEU D 125 -24.14 -15.05 -29.54
CA LEU D 125 -24.27 -13.74 -28.84
C LEU D 125 -23.50 -12.67 -29.61
N TYR D 126 -22.29 -12.95 -30.12
CA TYR D 126 -21.35 -11.91 -30.61
C TYR D 126 -20.91 -12.20 -32.04
N PRO D 127 -20.59 -11.14 -32.81
CA PRO D 127 -20.16 -11.31 -34.19
C PRO D 127 -18.70 -11.75 -34.34
N ASP D 128 -17.89 -11.64 -33.29
CA ASP D 128 -16.46 -11.97 -33.40
C ASP D 128 -15.85 -12.18 -32.02
N ALA D 129 -14.61 -12.67 -32.00
CA ALA D 129 -13.88 -13.04 -30.76
C ALA D 129 -13.50 -11.75 -30.01
N SER D 130 -13.14 -10.70 -30.77
CA SER D 130 -12.85 -9.34 -30.26
C SER D 130 -14.02 -8.82 -29.40
N THR D 131 -15.22 -8.78 -29.97
CA THR D 131 -16.44 -8.30 -29.28
C THR D 131 -16.80 -9.25 -28.14
N ALA D 132 -16.68 -10.56 -28.34
CA ALA D 132 -17.02 -11.55 -27.29
C ALA D 132 -16.09 -11.37 -26.07
N SER D 133 -14.83 -11.00 -26.27
CA SER D 133 -13.71 -11.16 -25.29
C SER D 133 -14.02 -10.55 -23.91
N ASN D 134 -14.72 -9.42 -23.85
CA ASN D 134 -14.98 -8.71 -22.57
C ASN D 134 -16.45 -8.90 -22.20
N LYS D 135 -17.12 -9.94 -22.71
CA LYS D 135 -18.58 -10.04 -22.50
C LYS D 135 -18.92 -11.36 -21.84
N SER D 136 -20.05 -11.39 -21.16
CA SER D 136 -20.55 -12.61 -20.49
C SER D 136 -20.45 -13.78 -21.46
N GLU D 137 -19.91 -14.91 -21.01
CA GLU D 137 -19.96 -16.21 -21.75
C GLU D 137 -19.30 -16.05 -23.10
N GLY D 138 -18.37 -15.10 -23.22
CA GLY D 138 -17.75 -14.72 -24.48
C GLY D 138 -16.99 -15.84 -25.13
N LEU D 139 -16.09 -16.51 -24.39
CA LEU D 139 -15.05 -17.36 -25.02
C LEU D 139 -15.11 -18.76 -24.44
N ALA D 140 -14.62 -19.72 -25.20
CA ALA D 140 -14.39 -21.10 -24.75
C ALA D 140 -13.08 -21.57 -25.38
N VAL D 141 -12.19 -22.11 -24.58
CA VAL D 141 -10.89 -22.59 -25.10
C VAL D 141 -10.84 -24.07 -24.86
N LEU D 142 -10.31 -24.77 -25.85
CA LEU D 142 -9.90 -26.19 -25.74
C LEU D 142 -8.40 -26.19 -25.54
N ALA D 143 -7.94 -26.61 -24.35
CA ALA D 143 -6.52 -26.70 -23.96
C ALA D 143 -6.01 -28.14 -24.12
N VAL D 144 -4.93 -28.31 -24.86
CA VAL D 144 -4.21 -29.60 -25.00
C VAL D 144 -2.85 -29.43 -24.35
N LEU D 145 -2.58 -30.26 -23.34
CA LEU D 145 -1.22 -30.42 -22.76
C LEU D 145 -0.37 -31.27 -23.70
N ILE D 146 0.88 -30.89 -23.89
CA ILE D 146 1.83 -31.51 -24.85
C ILE D 146 3.03 -31.97 -24.05
N GLU D 147 3.42 -33.24 -24.19
CA GLU D 147 4.69 -33.76 -23.62
C GLU D 147 5.60 -34.26 -24.75
N MET D 148 6.91 -34.25 -24.55
CA MET D 148 7.89 -35.00 -25.38
C MET D 148 7.44 -36.46 -25.50
N GLY D 149 7.61 -37.06 -26.67
CA GLY D 149 7.26 -38.48 -26.92
C GLY D 149 7.47 -38.82 -28.39
N SER D 150 6.58 -39.65 -28.95
CA SER D 150 6.55 -40.05 -30.39
C SER D 150 6.33 -38.82 -31.29
N PHE D 151 7.06 -38.78 -32.40
CA PHE D 151 6.82 -37.85 -33.53
C PHE D 151 5.31 -37.81 -33.78
N ASN D 152 4.80 -36.61 -34.02
CA ASN D 152 3.35 -36.33 -34.19
C ASN D 152 3.18 -35.68 -35.55
N PRO D 153 2.83 -36.45 -36.62
CA PRO D 153 2.68 -35.85 -37.95
C PRO D 153 1.69 -34.67 -37.97
N SER D 154 0.63 -34.71 -37.15
CA SER D 154 -0.43 -33.67 -37.20
C SER D 154 0.12 -32.30 -36.73
N TYR D 155 0.80 -32.26 -35.58
CA TYR D 155 1.42 -31.01 -35.07
C TYR D 155 2.48 -30.55 -36.08
N ASP D 156 3.07 -31.47 -36.83
CA ASP D 156 4.13 -31.09 -37.79
C ASP D 156 3.50 -30.45 -39.02
N LYS D 157 2.19 -30.62 -39.21
CA LYS D 157 1.46 -29.88 -40.26
C LYS D 157 1.52 -28.38 -39.89
N ILE D 158 1.74 -28.03 -38.62
CA ILE D 158 1.98 -26.62 -38.17
C ILE D 158 3.50 -26.31 -38.08
N PHE D 159 4.31 -27.23 -37.57
CA PHE D 159 5.72 -26.94 -37.15
C PHE D 159 6.61 -26.85 -38.38
N SER D 160 6.26 -27.56 -39.46
CA SER D 160 6.96 -27.52 -40.78
C SER D 160 6.94 -26.09 -41.34
N HIS D 161 6.08 -25.20 -40.86
CA HIS D 161 5.95 -23.83 -41.41
C HIS D 161 6.53 -22.75 -40.48
N LEU D 162 7.10 -23.10 -39.31
CA LEU D 162 7.54 -22.09 -38.29
C LEU D 162 8.66 -21.21 -38.88
N GLN D 163 9.48 -21.76 -39.79
CA GLN D 163 10.65 -21.04 -40.35
C GLN D 163 10.21 -19.85 -41.24
N HIS D 164 8.95 -19.79 -41.73
CA HIS D 164 8.42 -18.67 -42.56
C HIS D 164 7.78 -17.59 -41.69
N VAL D 165 7.65 -17.84 -40.38
CA VAL D 165 7.09 -16.85 -39.41
C VAL D 165 8.11 -16.64 -38.28
N LYS D 166 9.40 -16.81 -38.56
CA LYS D 166 10.51 -16.62 -37.57
C LYS D 166 10.30 -15.36 -36.73
N TYR D 167 9.93 -14.23 -37.36
CA TYR D 167 9.96 -12.88 -36.75
C TYR D 167 8.56 -12.30 -36.59
N LYS D 168 8.45 -11.39 -35.62
CA LYS D 168 7.19 -10.65 -35.35
C LYS D 168 6.66 -10.07 -36.67
N GLY D 169 5.40 -10.36 -36.99
CA GLY D 169 4.69 -9.77 -38.14
C GLY D 169 4.78 -10.61 -39.39
N GLN D 170 5.67 -11.61 -39.46
CA GLN D 170 5.74 -12.55 -40.60
C GLN D 170 4.47 -13.43 -40.61
N GLU D 171 3.99 -13.82 -41.80
CA GLU D 171 2.84 -14.72 -42.03
C GLU D 171 3.20 -15.79 -43.07
N ALA D 172 2.39 -16.83 -43.13
CA ALA D 172 2.50 -17.99 -44.05
C ALA D 172 1.14 -18.69 -44.08
N PHE D 173 0.83 -19.37 -45.18
CA PHE D 173 -0.43 -20.12 -45.33
C PHE D 173 -0.16 -21.59 -45.03
N VAL D 174 -1.15 -22.25 -44.45
CA VAL D 174 -1.03 -23.67 -44.04
C VAL D 174 -2.17 -24.45 -44.67
N PRO D 175 -1.88 -25.46 -45.52
CA PRO D 175 -2.96 -26.27 -46.07
C PRO D 175 -3.83 -26.76 -44.90
N GLY D 176 -5.14 -26.70 -45.05
CA GLY D 176 -6.10 -27.26 -44.09
C GLY D 176 -5.75 -28.70 -43.75
N PHE D 177 -5.95 -29.07 -42.49
CA PHE D 177 -6.01 -30.49 -42.06
C PHE D 177 -7.08 -30.63 -40.98
N ASN D 178 -7.36 -31.87 -40.60
CA ASN D 178 -8.34 -32.22 -39.54
C ASN D 178 -7.75 -31.73 -38.21
N ILE D 179 -8.21 -30.58 -37.72
CA ILE D 179 -7.68 -29.98 -36.46
C ILE D 179 -7.94 -30.94 -35.29
N GLU D 180 -8.94 -31.82 -35.41
CA GLU D 180 -9.25 -32.81 -34.36
C GLU D 180 -8.08 -33.81 -34.23
N GLU D 181 -7.17 -33.89 -35.21
CA GLU D 181 -5.89 -34.65 -35.12
C GLU D 181 -4.98 -34.08 -34.02
N LEU D 182 -5.12 -32.81 -33.67
CA LEU D 182 -4.25 -32.16 -32.63
C LEU D 182 -4.73 -32.55 -31.22
N LEU D 183 -5.95 -33.10 -31.10
CA LEU D 183 -6.58 -33.42 -29.80
C LEU D 183 -6.09 -34.78 -29.34
N PRO D 184 -6.06 -35.02 -28.02
CA PRO D 184 -5.54 -36.28 -27.50
C PRO D 184 -6.61 -37.37 -27.55
N GLU D 185 -6.25 -38.55 -27.02
CA GLU D 185 -7.15 -39.71 -26.84
C GLU D 185 -8.24 -39.37 -25.82
N ARG D 186 -9.41 -39.99 -25.94
CA ARG D 186 -10.50 -39.91 -24.96
C ARG D 186 -10.76 -38.45 -24.57
N THR D 187 -11.14 -37.64 -25.55
CA THR D 187 -11.57 -36.23 -25.36
C THR D 187 -12.83 -36.16 -24.47
N ALA D 188 -13.55 -37.26 -24.25
CA ALA D 188 -14.69 -37.28 -23.28
C ALA D 188 -14.18 -36.92 -21.88
N GLU D 189 -12.91 -37.24 -21.59
CA GLU D 189 -12.22 -36.95 -20.30
C GLU D 189 -11.59 -35.55 -20.29
N TYR D 190 -12.17 -34.64 -19.51
CA TYR D 190 -11.60 -33.29 -19.38
C TYR D 190 -11.83 -32.65 -18.00
N TYR D 191 -11.10 -31.57 -17.81
CA TYR D 191 -11.26 -30.65 -16.66
C TYR D 191 -12.02 -29.45 -17.14
N ARG D 192 -12.95 -28.91 -16.34
CA ARG D 192 -13.81 -27.76 -16.76
C ARG D 192 -13.91 -26.74 -15.61
N TYR D 193 -13.70 -25.46 -15.91
CA TYR D 193 -13.82 -24.37 -14.91
C TYR D 193 -13.99 -23.04 -15.64
N ARG D 194 -14.55 -22.08 -14.91
CA ARG D 194 -14.72 -20.69 -15.40
C ARG D 194 -13.43 -19.90 -15.10
N GLY D 195 -12.79 -19.39 -16.13
CA GLY D 195 -11.58 -18.60 -15.91
C GLY D 195 -11.51 -17.40 -16.83
N SER D 196 -10.29 -17.11 -17.24
CA SER D 196 -9.94 -15.86 -17.92
C SER D 196 -9.08 -16.17 -19.15
N LEU D 197 -8.87 -15.17 -19.99
CA LEU D 197 -7.68 -15.16 -20.87
C LEU D 197 -6.43 -15.24 -20.00
N THR D 198 -5.42 -16.02 -20.41
CA THR D 198 -4.09 -16.14 -19.77
C THR D 198 -3.17 -15.02 -20.26
N THR D 199 -3.66 -14.21 -21.20
CA THR D 199 -2.96 -13.04 -21.76
C THR D 199 -3.79 -11.80 -21.50
N PRO D 200 -3.16 -10.61 -21.57
CA PRO D 200 -3.95 -9.37 -21.56
C PRO D 200 -4.96 -9.44 -22.70
N PRO D 201 -6.19 -8.89 -22.53
CA PRO D 201 -6.56 -8.16 -21.30
C PRO D 201 -7.05 -8.96 -20.09
N CYS D 202 -6.87 -10.29 -20.08
CA CYS D 202 -7.17 -11.20 -18.93
C CYS D 202 -8.67 -11.22 -18.55
N ASN D 203 -9.55 -10.91 -19.50
CA ASN D 203 -11.01 -10.82 -19.23
C ASN D 203 -11.46 -12.16 -18.63
N PRO D 204 -12.29 -12.15 -17.56
CA PRO D 204 -12.79 -13.38 -16.90
C PRO D 204 -14.00 -13.97 -17.64
N THR D 205 -13.84 -14.22 -18.95
CA THR D 205 -14.95 -14.54 -19.88
C THR D 205 -14.77 -15.93 -20.52
N VAL D 206 -13.85 -16.76 -20.04
CA VAL D 206 -13.42 -17.99 -20.76
C VAL D 206 -13.99 -19.18 -20.02
N LEU D 207 -14.80 -19.98 -20.69
CA LEU D 207 -15.09 -21.35 -20.21
C LEU D 207 -13.93 -22.25 -20.60
N TRP D 208 -13.13 -22.74 -19.64
CA TRP D 208 -11.96 -23.63 -19.91
C TRP D 208 -12.35 -25.12 -20.02
N THR D 209 -11.82 -25.79 -21.03
CA THR D 209 -11.86 -27.27 -21.16
C THR D 209 -10.42 -27.74 -21.38
N VAL D 210 -9.84 -28.34 -20.34
CA VAL D 210 -8.45 -28.83 -20.44
C VAL D 210 -8.54 -30.35 -20.54
N PHE D 211 -8.09 -30.91 -21.66
CA PHE D 211 -8.20 -32.38 -21.90
C PHE D 211 -7.31 -33.10 -20.90
N ARG D 212 -7.85 -34.15 -20.30
CA ARG D 212 -7.17 -34.95 -19.27
C ARG D 212 -5.85 -35.52 -19.78
N ASN D 213 -5.85 -36.05 -21.01
CA ASN D 213 -4.69 -36.80 -21.56
C ASN D 213 -3.84 -35.88 -22.41
N PRO D 214 -2.50 -35.88 -22.29
CA PRO D 214 -1.64 -35.07 -23.13
C PRO D 214 -1.48 -35.72 -24.48
N VAL D 215 -0.98 -34.95 -25.45
CA VAL D 215 -0.45 -35.47 -26.72
C VAL D 215 1.07 -35.54 -26.57
N GLN D 216 1.70 -36.35 -27.43
CA GLN D 216 3.16 -36.44 -27.63
C GLN D 216 3.56 -35.74 -28.93
N ILE D 217 4.66 -35.01 -28.87
CA ILE D 217 5.50 -34.57 -30.01
C ILE D 217 6.94 -35.02 -29.71
N SER D 218 7.78 -35.15 -30.74
CA SER D 218 9.18 -35.62 -30.62
C SER D 218 10.04 -34.53 -29.99
N GLN D 219 11.12 -34.95 -29.34
CA GLN D 219 12.26 -34.10 -28.91
C GLN D 219 12.50 -33.03 -29.98
N GLU D 220 12.64 -33.47 -31.24
CA GLU D 220 13.02 -32.63 -32.40
C GLU D 220 11.91 -31.57 -32.64
N GLN D 221 10.64 -31.97 -32.68
CA GLN D 221 9.46 -31.06 -32.89
C GLN D 221 9.40 -29.99 -31.78
N LEU D 222 9.47 -30.41 -30.51
CA LEU D 222 9.48 -29.49 -29.36
C LEU D 222 10.63 -28.48 -29.48
N LEU D 223 11.83 -28.95 -29.79
CA LEU D 223 13.05 -28.10 -29.83
C LEU D 223 12.85 -27.00 -30.89
N ALA D 224 12.24 -27.35 -32.02
CA ALA D 224 11.97 -26.43 -33.17
C ALA D 224 11.06 -25.28 -32.70
N LEU D 225 9.97 -25.60 -31.99
CA LEU D 225 9.01 -24.63 -31.43
C LEU D 225 9.74 -23.71 -30.45
N GLU D 226 10.54 -24.27 -29.55
CA GLU D 226 11.26 -23.47 -28.51
C GLU D 226 12.32 -22.53 -29.13
N THR D 227 12.81 -22.81 -30.34
CA THR D 227 13.99 -22.11 -30.95
C THR D 227 13.68 -21.48 -32.31
N ALA D 228 12.53 -21.75 -32.93
CA ALA D 228 12.21 -21.26 -34.28
C ALA D 228 11.95 -19.75 -34.27
N LEU D 229 11.39 -19.18 -33.19
CA LEU D 229 10.71 -17.86 -33.30
C LEU D 229 11.30 -16.79 -32.37
N TYR D 230 11.12 -15.55 -32.81
CA TYR D 230 11.55 -14.29 -32.14
C TYR D 230 10.29 -13.44 -31.92
N CYS D 231 10.27 -12.59 -30.90
CA CYS D 231 9.12 -11.69 -30.60
C CYS D 231 9.45 -10.25 -31.03
N THR D 232 10.63 -10.07 -31.62
CA THR D 232 11.11 -8.80 -32.23
C THR D 232 10.94 -8.88 -33.76
N HIS D 233 10.81 -7.74 -34.46
CA HIS D 233 10.75 -7.66 -35.95
C HIS D 233 12.11 -8.09 -36.55
N MET D 234 12.11 -8.51 -37.83
CA MET D 234 13.31 -9.04 -38.56
C MET D 234 14.49 -8.07 -38.45
N ASP D 235 14.23 -6.76 -38.51
CA ASP D 235 15.29 -5.73 -38.58
C ASP D 235 15.61 -5.18 -37.18
N ASP D 236 14.91 -5.60 -36.11
CA ASP D 236 15.23 -5.17 -34.72
C ASP D 236 16.69 -5.59 -34.48
N PRO D 237 17.55 -4.63 -34.04
CA PRO D 237 18.98 -4.89 -33.89
C PRO D 237 19.31 -5.76 -32.67
N SER D 238 18.47 -5.66 -31.63
CA SER D 238 18.45 -6.48 -30.38
C SER D 238 17.37 -7.57 -30.52
N PRO D 239 17.65 -8.72 -31.19
CA PRO D 239 16.65 -9.78 -31.30
C PRO D 239 16.35 -10.51 -29.99
N ARG D 240 15.10 -10.94 -29.80
CA ARG D 240 14.66 -11.69 -28.58
C ARG D 240 14.05 -13.02 -29.01
N GLU D 241 14.64 -14.15 -28.56
CA GLU D 241 14.05 -15.50 -28.73
C GLU D 241 12.65 -15.47 -28.13
N MET D 242 11.63 -15.99 -28.82
CA MET D 242 10.26 -16.12 -28.23
C MET D 242 10.24 -17.43 -27.46
N ILE D 243 10.39 -17.34 -26.13
CA ILE D 243 10.46 -18.48 -25.16
C ILE D 243 9.68 -18.11 -23.90
N ASN D 244 9.31 -19.08 -23.08
CA ASN D 244 8.70 -18.81 -21.74
C ASN D 244 7.46 -17.90 -21.94
N ASN D 245 6.65 -18.19 -22.95
CA ASN D 245 5.49 -17.32 -23.29
C ASN D 245 4.23 -17.91 -22.63
N PHE D 246 4.34 -18.25 -21.35
CA PHE D 246 3.24 -18.80 -20.51
C PHE D 246 3.10 -17.96 -19.24
N ARG D 247 1.89 -17.83 -18.74
CA ARG D 247 1.62 -17.08 -17.48
C ARG D 247 1.87 -18.04 -16.30
N GLN D 248 2.43 -17.54 -15.19
CA GLN D 248 2.45 -18.28 -13.89
C GLN D 248 1.03 -18.66 -13.48
N VAL D 249 0.85 -19.76 -12.74
CA VAL D 249 -0.48 -20.16 -12.26
C VAL D 249 -0.92 -19.13 -11.23
N GLN D 250 -2.22 -18.93 -11.21
CA GLN D 250 -2.95 -17.98 -10.33
C GLN D 250 -3.48 -18.71 -9.09
N LYS D 251 -3.62 -17.99 -8.00
CA LYS D 251 -4.34 -18.48 -6.79
C LYS D 251 -5.78 -18.82 -7.20
N PHE D 252 -6.28 -19.92 -6.69
CA PHE D 252 -7.63 -20.44 -7.02
C PHE D 252 -8.30 -20.87 -5.72
N ASP D 253 -8.97 -19.92 -5.07
CA ASP D 253 -9.38 -20.01 -3.63
C ASP D 253 -10.90 -20.28 -3.52
N GLU D 254 -11.30 -21.27 -2.72
CA GLU D 254 -12.73 -21.55 -2.40
C GLU D 254 -13.45 -21.87 -3.71
N ARG D 255 -12.81 -22.66 -4.59
CA ARG D 255 -13.34 -22.94 -5.95
C ARG D 255 -12.97 -24.38 -6.33
N LEU D 256 -13.81 -24.97 -7.18
CA LEU D 256 -13.60 -26.31 -7.79
C LEU D 256 -13.39 -26.20 -9.31
N VAL D 257 -12.58 -27.13 -9.79
CA VAL D 257 -12.53 -27.61 -11.20
C VAL D 257 -13.38 -28.87 -11.27
N TYR D 258 -14.26 -28.94 -12.25
CA TYR D 258 -15.15 -30.10 -12.49
C TYR D 258 -14.44 -31.04 -13.46
N THR D 259 -14.59 -32.33 -13.21
CA THR D 259 -14.03 -33.38 -14.09
C THR D 259 -15.20 -34.15 -14.71
N SER D 260 -15.03 -34.46 -15.98
CA SER D 260 -15.93 -35.36 -16.72
C SER D 260 -15.53 -36.81 -16.41
N PHE D 261 -14.48 -37.04 -15.60
CA PHE D 261 -14.03 -38.39 -15.24
C PHE D 261 -14.01 -38.53 -13.70
N SER D 262 -14.27 -39.74 -13.19
CA SER D 262 -14.66 -39.99 -11.78
C SER D 262 -13.41 -40.21 -10.91
#